data_5HE3
#
_entry.id   5HE3
#
_cell.length_a   60.031
_cell.length_b   239.412
_cell.length_c   208.625
_cell.angle_alpha   90.000
_cell.angle_beta   90.000
_cell.angle_gamma   90.000
#
_symmetry.space_group_name_H-M   'C 2 2 21'
#
loop_
_entity.id
_entity.type
_entity.pdbx_description
1 polymer 'Beta-adrenergic receptor kinase 1'
2 polymer 'Guanine nucleotide-binding protein G(I)/G(S)/G(T) subunit beta-1'
3 polymer 'Guanine nucleotide-binding protein G(I)/G(S)/G(O) subunit gamma-2'
4 non-polymer 'MAGNESIUM ION'
5 non-polymer (4~{S})-4-[3-[2-(2,6-dimethylphenyl)ethylcarbamoyl]-4-fluoranyl-phenyl]-~{N}-(1~{H}-indazol-5-yl)-6-methyl-2-oxidanylidene-3,4-dihydro-1~{H}-pyrimidine-5-carboxamide
6 water water
#
loop_
_entity_poly.entity_id
_entity_poly.type
_entity_poly.pdbx_seq_one_letter_code
_entity_poly.pdbx_strand_id
1 'polypeptide(L)'
;KKILLPEPSIRSVMQKYLEDRGEVTFEKIFSQKLGYLLFRDFCLKHLEEAKPLVEFYEEIKKYEKLETEEERLVCSREIF
DTYIMKELLACSHPFSKSAIEHVQGHLVKKQVPPDLFQPYIEEICQNLRGDVFQKFIESDKFTRFCQWKNVELNIHLTMN
DFSVHRIIGRGGFGEVYGCRKADTGKMYAMKCLDKKRIKMKQGETLALNERIMLSLVSTGDCPFIVCMSYAFHTPDKLSF
ILDLMNGGDLHYHLSQHGVFSEADMRFYAAEIILGLEHMHNRFVVYRDLKPANILLDEHGHVRISDLGLACDFSKKKPHA
SVGTHGYMAPEVLQKGVAYDSSADWFSLGCMLFKLLRGHSPFRQHKTKDKHEIDRMTLTMAVELPDSFSPELRSLLEGLL
QRDVNRRLGCLGRGAQEVKESPFFRSLDWQMVFLQKYPPPLIPPRGEVNAADAFDIGSFDEEDTKGIKLLDSDQELYRNF
PLTISERWQQEVAETVFDTINAETDRLEARKKTKNKQLGHEEDYALGKDCIMHGYMSKMGNPFLTQWQRRYFYLFPNRLE
WRGEGEAPQSLLTMEEIQSVEETQIKERKCLLLKIRGGKQFVLQCDSDPELVQWKKELRDAYREAQQLVQRVPKMKNKPR
S
;
A
2 'polypeptide(L)'
;SELDQLRQEAEQLKNQIRDARKACADATLSQITNNIDPVGRIQMRTRRTLRGHLAKIYAMHWGTDSRLLVSASQDGKLII
WDSYTTNKVHAIPLRSSWVMTCAYAPSGNYVACGGLDNICSIYNLKTREGNVRVSRELAGHTGYLSCCRFLDDNQIVTSS
GDTTCALWDIETGQQTTTFTGHTGDVMSLSLAPDTRLFVSGACDASAKLWDVREGMCRQTFTGHESDINAICFFPNGNAF
ATGSDDATCRLFDLRADQELMTYSHDNIICGITSVSFSKSGRLLLAGYDDFNCNVWDALKADRAGVLAGHDNRVSCLGVT
DDGMAVATGSWDSFLKIWN
;
B
3 'polypeptide(L)' MASNNTASIAQARKLVEQLKMEANIDRIKVSKAAADLMAYCEAHAKEDPLLTPVPASENPFREKKFFCAIL G
#
loop_
_chem_comp.id
_chem_comp.type
_chem_comp.name
_chem_comp.formula
FF1 non-polymer (4~{S})-4-[3-[2-(2,6-dimethylphenyl)ethylcarbamoyl]-4-fluoranyl-phenyl]-~{N}-(1~{H}-indazol-5-yl)-6-methyl-2-oxidanylidene-3,4-dihydro-1~{H}-pyrimidine-5-carboxamide 'C30 H29 F N6 O3'
MG non-polymer 'MAGNESIUM ION' 'Mg 2'
#
# COMPACT_ATOMS: atom_id res chain seq x y z
N LYS A 1 4.68 12.23 26.30
CA LYS A 1 3.99 11.65 27.49
C LYS A 1 2.77 10.81 27.04
N LYS A 2 1.64 11.45 26.82
CA LYS A 2 0.40 10.78 26.44
C LYS A 2 0.26 10.47 24.93
N ILE A 3 -0.70 9.62 24.60
CA ILE A 3 -0.85 9.07 23.25
C ILE A 3 -1.29 10.16 22.26
N LEU A 4 -0.65 10.21 21.11
CA LEU A 4 -0.99 11.20 20.13
C LEU A 4 -1.26 10.49 18.82
N LEU A 5 -2.50 10.54 18.41
CA LEU A 5 -2.92 9.93 17.18
C LEU A 5 -2.27 10.67 16.02
N PRO A 6 -2.02 9.98 14.89
CA PRO A 6 -1.68 10.63 13.63
C PRO A 6 -2.87 11.30 13.04
N GLU A 7 -2.63 12.18 12.09
CA GLU A 7 -3.73 12.86 11.43
C GLU A 7 -4.43 11.86 10.58
N PRO A 8 -5.66 12.15 10.21
CA PRO A 8 -6.46 11.22 9.39
C PRO A 8 -5.83 10.85 8.03
N SER A 9 -4.83 11.61 7.60
CA SER A 9 -4.05 11.31 6.40
C SER A 9 -3.44 9.91 6.45
N ILE A 10 -3.23 9.41 7.68
CA ILE A 10 -2.53 8.16 7.92
C ILE A 10 -3.30 6.99 7.33
N ARG A 11 -4.59 7.21 7.13
CA ARG A 11 -5.52 6.25 6.53
C ARG A 11 -5.00 5.67 5.24
N SER A 12 -4.37 6.51 4.43
CA SER A 12 -3.86 6.05 3.14
C SER A 12 -2.91 4.88 3.28
N VAL A 13 -1.97 4.98 4.22
CA VAL A 13 -0.98 3.95 4.39
C VAL A 13 -1.54 2.75 5.14
N MET A 14 -2.39 3.01 6.13
CA MET A 14 -2.71 1.95 7.06
C MET A 14 -3.66 1.03 6.38
N GLN A 15 -4.66 1.62 5.72
CA GLN A 15 -5.65 0.85 5.00
C GLN A 15 -4.93 -0.15 4.08
N LYS A 16 -3.89 0.32 3.40
CA LYS A 16 -3.10 -0.52 2.55
C LYS A 16 -2.28 -1.49 3.39
N TYR A 17 -1.62 -1.02 4.43
CA TYR A 17 -0.82 -1.91 5.25
C TYR A 17 -1.66 -3.05 5.79
N LEU A 18 -2.89 -2.73 6.20
CA LEU A 18 -3.81 -3.70 6.77
C LEU A 18 -4.43 -4.62 5.71
N GLU A 19 -4.96 -4.03 4.64
CA GLU A 19 -5.35 -4.79 3.46
C GLU A 19 -4.31 -5.85 3.09
N ASP A 20 -3.06 -5.45 2.95
CA ASP A 20 -2.00 -6.39 2.61
C ASP A 20 -1.94 -7.57 3.57
N ARG A 21 -2.26 -7.32 4.85
CA ARG A 21 -2.21 -8.36 5.92
C ARG A 21 -3.57 -9.05 6.14
N GLY A 22 -4.59 -8.59 5.42
CA GLY A 22 -5.94 -9.15 5.45
C GLY A 22 -6.76 -8.77 6.67
N GLU A 23 -6.55 -7.56 7.20
CA GLU A 23 -7.10 -7.17 8.50
C GLU A 23 -8.33 -6.27 8.42
N VAL A 24 -8.84 -6.01 7.22
CA VAL A 24 -9.97 -5.08 7.09
C VAL A 24 -11.22 -5.85 6.85
N THR A 25 -11.33 -6.98 7.52
CA THR A 25 -12.50 -7.78 7.43
C THR A 25 -13.28 -7.40 8.65
N PHE A 26 -14.57 -7.65 8.64
CA PHE A 26 -15.43 -7.37 9.80
C PHE A 26 -14.96 -8.21 10.98
N GLU A 27 -14.56 -9.43 10.67
CA GLU A 27 -14.22 -10.40 11.67
C GLU A 27 -13.09 -9.81 12.49
N LYS A 28 -12.08 -9.31 11.78
CA LYS A 28 -10.83 -8.92 12.41
C LYS A 28 -10.88 -7.57 13.05
N ILE A 29 -11.71 -6.67 12.53
CA ILE A 29 -11.91 -5.39 13.22
C ILE A 29 -12.85 -5.51 14.43
N PHE A 30 -13.98 -6.15 14.23
CA PHE A 30 -14.99 -6.29 15.26
C PHE A 30 -14.51 -6.99 16.54
N SER A 31 -13.51 -7.88 16.42
CA SER A 31 -13.04 -8.62 17.59
C SER A 31 -11.94 -7.88 18.36
N GLN A 32 -11.56 -6.71 17.86
CA GLN A 32 -10.62 -5.86 18.57
C GLN A 32 -11.40 -4.85 19.37
N LYS A 33 -11.09 -4.73 20.66
CA LYS A 33 -11.86 -3.85 21.54
C LYS A 33 -12.05 -2.47 20.92
N LEU A 34 -10.99 -1.91 20.35
CA LEU A 34 -11.08 -0.57 19.85
C LEU A 34 -11.80 -0.63 18.54
N GLY A 35 -11.61 -1.73 17.80
CA GLY A 35 -12.36 -1.98 16.58
C GLY A 35 -13.85 -1.92 16.88
N TYR A 36 -14.33 -2.90 17.62
CA TYR A 36 -15.69 -2.86 18.17
C TYR A 36 -16.07 -1.45 18.62
N LEU A 37 -15.30 -0.88 19.53
CA LEU A 37 -15.69 0.38 20.10
C LEU A 37 -16.03 1.41 19.04
N LEU A 38 -15.26 1.43 17.97
CA LEU A 38 -15.47 2.41 16.93
C LEU A 38 -16.61 1.99 16.02
N PHE A 39 -16.60 0.73 15.60
CA PHE A 39 -17.66 0.20 14.76
C PHE A 39 -19.06 0.51 15.28
N ARG A 40 -19.25 0.38 16.59
CA ARG A 40 -20.54 0.75 17.17
C ARG A 40 -20.77 2.24 17.16
N ASP A 41 -19.92 3.04 17.78
CA ASP A 41 -20.11 4.47 17.75
C ASP A 41 -20.59 4.89 16.37
N PHE A 42 -20.08 4.21 15.34
CA PHE A 42 -20.53 4.38 13.96
C PHE A 42 -21.97 3.92 13.71
N CYS A 43 -22.27 2.67 14.05
CA CYS A 43 -23.62 2.17 13.87
C CYS A 43 -24.60 2.99 14.68
N LEU A 44 -24.36 3.06 15.98
CA LEU A 44 -25.33 3.64 16.90
C LEU A 44 -25.70 5.07 16.54
N LYS A 45 -24.73 5.86 16.08
CA LYS A 45 -24.95 7.28 15.87
C LYS A 45 -25.11 7.67 14.40
N HIS A 46 -24.37 7.01 13.50
CA HIS A 46 -24.29 7.47 12.10
C HIS A 46 -24.88 6.47 11.08
N LEU A 47 -25.88 5.70 11.46
CA LEU A 47 -26.61 4.87 10.50
C LEU A 47 -27.88 4.29 11.12
N GLU A 48 -29.05 4.71 10.62
CA GLU A 48 -30.36 4.25 11.11
C GLU A 48 -30.58 2.75 11.00
N GLU A 49 -29.98 2.14 9.99
CA GLU A 49 -30.09 0.71 9.79
C GLU A 49 -29.37 -0.16 10.84
N ALA A 50 -28.19 0.27 11.28
CA ALA A 50 -27.38 -0.56 12.16
C ALA A 50 -27.54 -0.24 13.65
N LYS A 51 -28.05 0.94 13.98
CA LYS A 51 -28.32 1.27 15.40
C LYS A 51 -29.01 0.10 16.14
N PRO A 52 -30.20 -0.32 15.65
CA PRO A 52 -30.97 -1.38 16.30
C PRO A 52 -30.22 -2.70 16.48
N LEU A 53 -29.45 -3.06 15.44
CA LEU A 53 -28.62 -4.26 15.43
C LEU A 53 -27.62 -4.26 16.57
N VAL A 54 -26.76 -3.25 16.62
CA VAL A 54 -25.74 -3.20 17.64
C VAL A 54 -26.45 -3.11 18.96
N GLU A 55 -27.36 -2.15 19.09
CA GLU A 55 -28.18 -2.03 20.31
C GLU A 55 -28.62 -3.41 20.79
N PHE A 56 -29.04 -4.25 19.84
CA PHE A 56 -29.46 -5.65 20.07
C PHE A 56 -28.29 -6.59 20.50
N TYR A 57 -27.17 -6.47 19.81
CA TYR A 57 -25.98 -7.18 20.17
C TYR A 57 -25.63 -6.81 21.62
N GLU A 58 -25.65 -5.52 21.91
CA GLU A 58 -25.20 -5.08 23.21
C GLU A 58 -26.07 -5.63 24.32
N GLU A 59 -27.38 -5.62 24.07
CA GLU A 59 -28.32 -6.07 25.07
C GLU A 59 -28.16 -7.56 25.32
N ILE A 60 -27.94 -8.33 24.27
CA ILE A 60 -27.58 -9.72 24.44
C ILE A 60 -26.25 -9.83 25.16
N LYS A 61 -25.28 -8.99 24.81
CA LYS A 61 -24.05 -8.98 25.60
C LYS A 61 -24.38 -8.78 27.09
N LYS A 62 -25.08 -7.71 27.44
CA LYS A 62 -25.45 -7.47 28.85
C LYS A 62 -26.18 -8.69 29.46
N TYR A 63 -27.05 -9.31 28.66
CA TYR A 63 -27.80 -10.51 29.07
C TYR A 63 -26.89 -11.67 29.44
N GLU A 64 -25.90 -11.98 28.60
CA GLU A 64 -24.93 -13.07 28.86
C GLU A 64 -24.33 -12.94 30.26
N LYS A 65 -24.03 -11.70 30.66
CA LYS A 65 -23.37 -11.38 31.94
C LYS A 65 -24.27 -11.43 33.20
N LEU A 66 -25.60 -11.43 33.05
CA LEU A 66 -26.54 -11.50 34.20
C LEU A 66 -26.36 -12.79 34.97
N GLU A 67 -26.37 -12.68 36.30
CA GLU A 67 -26.03 -13.80 37.21
C GLU A 67 -27.24 -14.64 37.63
N THR A 68 -28.30 -13.96 38.09
CA THR A 68 -29.53 -14.65 38.49
C THR A 68 -30.25 -15.20 37.28
N GLU A 69 -30.86 -16.38 37.45
CA GLU A 69 -31.88 -16.85 36.51
C GLU A 69 -33.14 -15.96 36.58
N GLU A 70 -33.49 -15.51 37.78
CA GLU A 70 -34.64 -14.63 37.96
C GLU A 70 -34.46 -13.25 37.30
N GLU A 71 -33.23 -12.94 36.90
CA GLU A 71 -32.87 -11.72 36.17
C GLU A 71 -32.88 -11.96 34.68
N ARG A 72 -32.45 -13.17 34.30
CA ARG A 72 -32.44 -13.60 32.91
C ARG A 72 -33.85 -13.84 32.44
N LEU A 73 -34.74 -14.19 33.37
CA LEU A 73 -36.16 -14.33 33.08
C LEU A 73 -36.73 -13.00 32.60
N VAL A 74 -36.41 -11.96 33.34
CA VAL A 74 -36.81 -10.59 33.04
C VAL A 74 -36.23 -10.05 31.74
N CYS A 75 -34.94 -10.26 31.51
CA CYS A 75 -34.24 -9.55 30.44
C CYS A 75 -34.56 -10.19 29.10
N SER A 76 -34.60 -11.51 29.09
CA SER A 76 -34.99 -12.27 27.91
C SER A 76 -36.34 -11.81 27.35
N ARG A 77 -37.34 -11.63 28.21
CA ARG A 77 -38.64 -11.12 27.75
C ARG A 77 -38.50 -9.73 27.16
N GLU A 78 -37.80 -8.85 27.86
CA GLU A 78 -37.63 -7.48 27.38
C GLU A 78 -36.90 -7.44 26.06
N ILE A 79 -35.83 -8.23 25.96
CA ILE A 79 -35.07 -8.31 24.73
C ILE A 79 -35.94 -8.85 23.61
N PHE A 80 -36.69 -9.91 23.92
CA PHE A 80 -37.60 -10.51 22.96
C PHE A 80 -38.61 -9.51 22.49
N ASP A 81 -39.20 -8.79 23.44
CA ASP A 81 -40.20 -7.79 23.12
C ASP A 81 -39.68 -6.61 22.31
N THR A 82 -38.44 -6.18 22.53
CA THR A 82 -37.95 -4.97 21.89
C THR A 82 -37.27 -5.27 20.55
N TYR A 83 -36.46 -6.33 20.48
CA TYR A 83 -35.62 -6.57 19.29
C TYR A 83 -36.16 -7.65 18.37
N ILE A 84 -37.15 -8.40 18.87
CA ILE A 84 -37.64 -9.54 18.13
C ILE A 84 -39.11 -9.35 17.78
N MET A 85 -39.97 -9.34 18.80
CA MET A 85 -41.41 -9.21 18.60
C MET A 85 -41.71 -7.98 17.75
N LYS A 86 -41.31 -6.81 18.22
CA LYS A 86 -41.67 -5.55 17.57
C LYS A 86 -41.22 -5.50 16.10
N GLU A 87 -39.95 -5.80 15.85
CA GLU A 87 -39.44 -5.75 14.47
C GLU A 87 -40.18 -6.75 13.55
N LEU A 88 -40.58 -7.88 14.11
CA LEU A 88 -41.47 -8.85 13.42
C LEU A 88 -42.79 -8.22 12.95
N LEU A 89 -43.38 -7.40 13.82
CA LEU A 89 -44.66 -6.75 13.55
C LEU A 89 -44.57 -5.64 12.50
N ALA A 90 -43.36 -5.27 12.08
CA ALA A 90 -43.19 -4.35 10.96
C ALA A 90 -42.32 -4.97 9.85
N CYS A 91 -42.14 -6.29 9.89
CA CYS A 91 -41.37 -7.05 8.87
C CYS A 91 -39.92 -6.59 8.65
N SER A 92 -39.41 -5.75 9.56
CA SER A 92 -38.03 -5.25 9.56
C SER A 92 -37.19 -5.99 10.60
N HIS A 93 -37.37 -7.31 10.63
CA HIS A 93 -36.64 -8.18 11.51
C HIS A 93 -35.97 -9.21 10.61
N PRO A 94 -34.76 -8.91 10.11
CA PRO A 94 -34.10 -9.76 9.12
C PRO A 94 -33.21 -10.88 9.70
N PHE A 95 -33.80 -11.85 10.41
CA PHE A 95 -33.05 -13.00 10.95
C PHE A 95 -33.76 -14.31 10.62
N SER A 96 -33.00 -15.41 10.65
CA SER A 96 -33.51 -16.72 10.27
C SER A 96 -34.64 -17.15 11.18
N LYS A 97 -35.68 -17.74 10.58
CA LYS A 97 -36.79 -18.33 11.34
C LYS A 97 -36.24 -19.13 12.51
N SER A 98 -35.19 -19.90 12.22
CA SER A 98 -34.40 -20.68 13.17
C SER A 98 -34.07 -19.95 14.50
N ALA A 99 -33.62 -18.70 14.39
CA ALA A 99 -33.19 -17.91 15.57
C ALA A 99 -34.36 -17.44 16.43
N ILE A 100 -35.35 -16.84 15.78
CA ILE A 100 -36.61 -16.46 16.42
C ILE A 100 -37.22 -17.63 17.18
N GLU A 101 -37.37 -18.75 16.47
CA GLU A 101 -37.92 -19.97 17.06
C GLU A 101 -37.11 -20.35 18.30
N HIS A 102 -35.79 -20.50 18.14
CA HIS A 102 -34.94 -20.94 19.24
C HIS A 102 -35.21 -20.14 20.52
N VAL A 103 -35.35 -18.81 20.36
CA VAL A 103 -35.58 -17.92 21.50
C VAL A 103 -37.01 -18.08 22.03
N GLN A 104 -37.99 -17.71 21.21
CA GLN A 104 -39.42 -17.85 21.53
C GLN A 104 -39.73 -19.18 22.25
N GLY A 105 -39.33 -20.29 21.62
CA GLY A 105 -39.56 -21.63 22.14
C GLY A 105 -39.01 -21.85 23.53
N HIS A 106 -37.86 -21.22 23.80
CA HIS A 106 -37.22 -21.22 25.12
C HIS A 106 -37.96 -20.35 26.13
N LEU A 107 -38.46 -19.20 25.68
CA LEU A 107 -39.16 -18.26 26.57
C LEU A 107 -40.47 -18.79 27.17
N VAL A 108 -41.19 -19.59 26.41
CA VAL A 108 -42.46 -20.17 26.87
C VAL A 108 -42.19 -21.38 27.77
N LYS A 109 -41.14 -22.13 27.45
CA LYS A 109 -40.57 -23.12 28.37
C LYS A 109 -39.90 -22.45 29.57
N LYS A 110 -39.59 -21.16 29.44
CA LYS A 110 -38.99 -20.38 30.50
C LYS A 110 -37.62 -20.97 30.88
N GLN A 111 -36.86 -21.34 29.84
CA GLN A 111 -35.49 -21.81 30.02
C GLN A 111 -34.57 -20.71 29.49
N VAL A 112 -33.81 -20.12 30.41
CA VAL A 112 -33.06 -18.89 30.14
C VAL A 112 -31.55 -19.02 30.40
N PRO A 113 -30.88 -19.91 29.64
CA PRO A 113 -29.44 -19.94 29.77
C PRO A 113 -28.85 -18.64 29.19
N PRO A 114 -27.68 -18.20 29.71
CA PRO A 114 -26.94 -17.01 29.20
C PRO A 114 -26.64 -17.02 27.69
N ASP A 115 -26.38 -18.19 27.13
CA ASP A 115 -26.29 -18.30 25.68
C ASP A 115 -27.67 -18.39 25.03
N LEU A 116 -28.71 -17.84 25.65
CA LEU A 116 -30.04 -17.89 25.06
C LEU A 116 -29.99 -17.38 23.61
N PHE A 117 -29.42 -16.19 23.42
CA PHE A 117 -29.48 -15.51 22.13
C PHE A 117 -28.22 -15.72 21.29
N GLN A 118 -27.47 -16.79 21.56
CA GLN A 118 -26.23 -17.04 20.82
C GLN A 118 -26.53 -17.15 19.33
N PRO A 119 -27.68 -17.74 18.96
CA PRO A 119 -28.02 -17.76 17.53
C PRO A 119 -28.22 -16.38 16.89
N TYR A 120 -28.68 -15.38 17.66
CA TYR A 120 -28.80 -14.02 17.13
C TYR A 120 -27.44 -13.36 17.00
N ILE A 121 -26.55 -13.63 17.95
CA ILE A 121 -25.18 -13.11 17.87
C ILE A 121 -24.58 -13.42 16.50
N GLU A 122 -24.54 -14.70 16.15
CA GLU A 122 -23.94 -15.12 14.90
C GLU A 122 -24.54 -14.30 13.75
N GLU A 123 -25.86 -14.12 13.79
CA GLU A 123 -26.58 -13.51 12.67
C GLU A 123 -26.63 -11.99 12.68
N ILE A 124 -26.52 -11.36 13.85
CA ILE A 124 -26.42 -9.90 13.86
C ILE A 124 -25.12 -9.58 13.13
N CYS A 125 -24.08 -10.35 13.48
CA CYS A 125 -22.81 -10.29 12.78
C CYS A 125 -23.00 -10.40 11.27
N GLN A 126 -23.72 -11.42 10.82
CA GLN A 126 -24.01 -11.60 9.39
C GLN A 126 -24.51 -10.34 8.70
N ASN A 127 -25.40 -9.62 9.38
CA ASN A 127 -25.97 -8.37 8.85
C ASN A 127 -24.95 -7.25 8.79
N LEU A 128 -24.12 -7.21 9.83
CA LEU A 128 -23.16 -6.13 9.97
C LEU A 128 -21.94 -6.30 9.04
N ARG A 129 -21.42 -7.53 8.87
CA ARG A 129 -20.40 -7.79 7.83
C ARG A 129 -21.08 -7.66 6.52
N GLY A 130 -20.47 -6.91 5.61
CA GLY A 130 -21.14 -6.54 4.36
C GLY A 130 -21.29 -5.05 4.20
N ASP A 131 -22.48 -4.62 3.80
CA ASP A 131 -22.67 -3.26 3.33
C ASP A 131 -22.49 -2.31 4.49
N VAL A 132 -23.07 -2.71 5.62
CA VAL A 132 -22.86 -2.00 6.88
C VAL A 132 -21.38 -1.81 7.24
N PHE A 133 -20.58 -2.85 6.97
CA PHE A 133 -19.16 -2.84 7.26
C PHE A 133 -18.42 -1.97 6.27
N GLN A 134 -18.71 -2.13 4.99
CA GLN A 134 -18.07 -1.34 3.95
C GLN A 134 -18.37 0.15 4.09
N LYS A 135 -19.49 0.47 4.72
CA LYS A 135 -19.81 1.88 4.95
C LYS A 135 -19.03 2.36 6.14
N PHE A 136 -18.96 1.51 7.15
CA PHE A 136 -18.05 1.75 8.26
C PHE A 136 -16.67 2.07 7.70
N ILE A 137 -16.16 1.17 6.87
CA ILE A 137 -14.86 1.37 6.26
C ILE A 137 -14.79 2.78 5.67
N GLU A 138 -15.76 3.15 4.84
CA GLU A 138 -15.74 4.47 4.21
C GLU A 138 -15.71 5.63 5.20
N SER A 139 -16.18 5.41 6.42
CA SER A 139 -16.41 6.48 7.39
C SER A 139 -15.16 6.97 8.09
N ASP A 140 -15.31 8.06 8.84
CA ASP A 140 -14.25 8.60 9.66
C ASP A 140 -13.95 7.71 10.86
N LYS A 141 -14.84 6.77 11.14
CA LYS A 141 -14.65 5.88 12.25
C LYS A 141 -13.64 4.84 11.90
N PHE A 142 -13.58 4.43 10.64
CA PHE A 142 -12.49 3.54 10.23
C PHE A 142 -11.18 4.30 10.14
N THR A 143 -11.27 5.59 9.84
CA THR A 143 -10.09 6.45 9.91
C THR A 143 -9.57 6.41 11.34
N ARG A 144 -10.47 6.61 12.26
CA ARG A 144 -10.05 6.62 13.63
C ARG A 144 -9.38 5.32 14.00
N PHE A 145 -9.91 4.22 13.46
CA PHE A 145 -9.32 2.92 13.69
C PHE A 145 -7.88 2.89 13.18
N CYS A 146 -7.68 3.32 11.95
CA CYS A 146 -6.34 3.34 11.37
C CYS A 146 -5.39 4.17 12.18
N GLN A 147 -5.92 5.25 12.74
CA GLN A 147 -5.07 6.13 13.50
C GLN A 147 -4.57 5.44 14.75
N TRP A 148 -5.52 4.85 15.48
CA TRP A 148 -5.22 4.08 16.68
C TRP A 148 -4.36 2.89 16.35
N LYS A 149 -4.70 2.18 15.30
CA LYS A 149 -3.91 1.03 14.92
C LYS A 149 -2.50 1.47 14.58
N ASN A 150 -2.37 2.64 13.94
CA ASN A 150 -1.04 3.12 13.67
C ASN A 150 -0.25 3.23 14.94
N VAL A 151 -0.89 3.74 15.98
CA VAL A 151 -0.23 3.83 17.25
C VAL A 151 0.18 2.45 17.70
N GLU A 152 -0.76 1.52 17.68
CA GLU A 152 -0.50 0.17 18.17
C GLU A 152 0.71 -0.42 17.54
N LEU A 153 0.76 -0.38 16.22
CA LEU A 153 1.77 -1.15 15.51
C LEU A 153 3.10 -0.50 15.56
N ASN A 154 3.19 0.62 16.27
CA ASN A 154 4.42 1.41 16.41
C ASN A 154 4.84 1.63 17.86
N ILE A 155 4.34 0.77 18.73
CA ILE A 155 4.75 0.75 20.09
C ILE A 155 6.18 0.30 20.10
N HIS A 156 7.01 1.14 20.73
CA HIS A 156 8.32 0.73 21.17
C HIS A 156 8.48 1.21 22.58
N LEU A 157 8.80 0.27 23.46
CA LEU A 157 8.80 0.52 24.90
C LEU A 157 10.21 0.64 25.42
N THR A 158 10.34 1.35 26.51
CA THR A 158 11.62 1.54 27.14
C THR A 158 11.30 1.77 28.60
N MET A 159 12.25 1.60 29.52
CA MET A 159 11.87 1.81 30.92
C MET A 159 11.22 3.17 31.02
N ASN A 160 11.58 4.03 30.07
CA ASN A 160 11.19 5.42 30.08
C ASN A 160 9.69 5.62 29.91
N ASP A 161 9.08 4.76 29.10
CA ASP A 161 7.63 4.64 28.96
C ASP A 161 6.89 4.27 30.23
N PHE A 162 7.62 3.87 31.26
CA PHE A 162 7.06 3.52 32.55
C PHE A 162 7.61 4.29 33.74
N SER A 163 6.79 4.41 34.74
CA SER A 163 7.16 5.05 35.95
C SER A 163 7.36 3.93 36.99
N VAL A 164 8.59 3.46 37.16
CA VAL A 164 8.83 2.38 38.12
C VAL A 164 8.70 2.85 39.58
N HIS A 165 8.20 1.99 40.45
CA HIS A 165 8.03 2.28 41.86
C HIS A 165 8.62 1.09 42.64
N ARG A 166 8.02 0.72 43.77
CA ARG A 166 8.63 -0.23 44.71
C ARG A 166 8.91 -1.60 44.12
N ILE A 167 9.87 -2.25 44.75
CA ILE A 167 10.28 -3.62 44.47
C ILE A 167 9.24 -4.50 45.17
N ILE A 168 8.81 -5.58 44.52
CA ILE A 168 7.77 -6.45 45.09
C ILE A 168 8.08 -7.94 45.01
N GLY A 169 9.34 -8.28 44.74
CA GLY A 169 9.74 -9.65 44.42
C GLY A 169 11.13 -9.65 43.83
N ARG A 170 12.00 -10.56 44.31
CA ARG A 170 13.36 -10.78 43.77
C ARG A 170 13.45 -12.24 43.38
N GLY A 171 14.39 -12.56 42.50
CA GLY A 171 14.69 -13.94 42.19
C GLY A 171 16.13 -14.16 41.80
N GLY A 172 16.34 -15.24 41.06
CA GLY A 172 17.63 -15.56 40.48
C GLY A 172 18.02 -14.55 39.43
N PHE A 173 17.11 -14.17 38.54
CA PHE A 173 17.51 -13.43 37.37
C PHE A 173 17.25 -11.95 37.41
N GLY A 174 16.51 -11.49 38.40
CA GLY A 174 16.26 -10.06 38.56
C GLY A 174 15.14 -9.78 39.54
N GLU A 175 14.53 -8.63 39.39
CA GLU A 175 13.60 -8.15 40.38
C GLU A 175 12.28 -7.81 39.72
N VAL A 176 11.24 -7.69 40.52
CA VAL A 176 9.93 -7.31 40.03
C VAL A 176 9.52 -6.04 40.73
N TYR A 177 9.01 -5.09 39.93
CA TYR A 177 8.62 -3.79 40.45
C TYR A 177 7.20 -3.51 40.14
N GLY A 178 6.59 -2.71 40.99
CA GLY A 178 5.31 -2.12 40.62
C GLY A 178 5.61 -0.89 39.81
N CYS A 179 4.76 -0.64 38.82
CA CYS A 179 4.97 0.48 37.92
C CYS A 179 3.70 0.92 37.23
N ARG A 180 3.77 2.08 36.58
CA ARG A 180 2.62 2.65 35.90
C ARG A 180 3.06 3.05 34.49
N LYS A 181 2.29 2.69 33.48
CA LYS A 181 2.64 3.02 32.12
C LYS A 181 2.24 4.46 31.85
N ALA A 182 3.21 5.36 31.84
CA ALA A 182 2.96 6.81 31.57
C ALA A 182 1.78 7.17 30.64
N ASP A 183 1.87 6.81 29.36
CA ASP A 183 0.75 6.86 28.38
C ASP A 183 -0.63 7.06 28.98
N THR A 184 -1.02 6.05 29.77
CA THR A 184 -2.39 5.80 30.13
C THR A 184 -2.60 5.69 31.65
N GLY A 185 -1.50 5.67 32.38
CA GLY A 185 -1.57 5.56 33.78
C GLY A 185 -1.93 4.22 34.36
N LYS A 186 -1.91 3.16 33.55
CA LYS A 186 -2.40 1.87 34.04
C LYS A 186 -1.32 1.27 34.89
N MET A 187 -1.69 0.73 36.05
CA MET A 187 -0.73 0.08 36.96
C MET A 187 -0.36 -1.30 36.48
N TYR A 188 0.92 -1.63 36.57
CA TYR A 188 1.41 -2.93 36.18
C TYR A 188 2.56 -3.36 37.07
N ALA A 189 2.94 -4.62 36.92
CA ALA A 189 4.19 -5.07 37.42
C ALA A 189 5.18 -5.07 36.31
N MET A 190 6.42 -4.77 36.62
CA MET A 190 7.50 -4.95 35.67
C MET A 190 8.47 -5.91 36.27
N LYS A 191 8.63 -7.05 35.61
CA LYS A 191 9.66 -8.00 35.97
C LYS A 191 10.89 -7.76 35.07
N CYS A 192 12.01 -7.36 35.68
CA CYS A 192 13.28 -7.18 35.00
C CYS A 192 14.18 -8.35 35.26
N LEU A 193 14.86 -8.81 34.23
CA LEU A 193 15.82 -9.86 34.40
C LEU A 193 17.13 -9.41 33.79
N ASP A 194 18.19 -9.40 34.59
CA ASP A 194 19.48 -9.00 34.10
C ASP A 194 20.08 -10.08 33.21
N LYS A 195 20.34 -9.75 31.94
CA LYS A 195 20.88 -10.69 30.95
C LYS A 195 22.22 -11.28 31.31
N LYS A 196 23.06 -10.49 31.97
CA LYS A 196 24.33 -10.97 32.50
C LYS A 196 24.00 -12.07 33.50
N ARG A 197 23.19 -11.73 34.50
CA ARG A 197 22.85 -12.65 35.58
C ARG A 197 22.23 -13.90 34.99
N ILE A 198 21.68 -13.76 33.79
CA ILE A 198 21.16 -14.88 33.05
C ILE A 198 22.28 -15.74 32.47
N LYS A 199 23.08 -15.18 31.57
CA LYS A 199 24.20 -15.91 30.97
C LYS A 199 25.03 -16.61 32.03
N MET A 200 25.26 -15.90 33.14
CA MET A 200 25.88 -16.43 34.37
C MET A 200 25.31 -17.78 34.77
N LYS A 201 24.02 -17.85 35.14
CA LYS A 201 23.41 -19.12 35.55
C LYS A 201 22.88 -19.95 34.37
N GLN A 202 23.18 -19.49 33.14
CA GLN A 202 22.81 -20.20 31.91
C GLN A 202 21.30 -20.40 31.78
N GLY A 203 20.53 -19.39 32.20
CA GLY A 203 19.08 -19.46 32.19
C GLY A 203 18.48 -18.71 31.02
N GLU A 204 19.20 -18.74 29.90
CA GLU A 204 18.73 -18.13 28.66
C GLU A 204 17.43 -18.75 28.17
N THR A 205 17.19 -20.02 28.49
CA THR A 205 15.94 -20.68 28.09
C THR A 205 14.75 -20.23 28.94
N LEU A 206 14.89 -20.36 30.27
CA LEU A 206 13.84 -19.95 31.22
C LEU A 206 13.24 -18.60 30.94
N ALA A 207 14.11 -17.65 30.60
CA ALA A 207 13.66 -16.34 30.24
C ALA A 207 12.93 -16.47 28.91
N LEU A 208 13.64 -16.90 27.88
CA LEU A 208 13.04 -16.98 26.56
C LEU A 208 11.74 -17.75 26.60
N ASN A 209 11.67 -18.72 27.49
CA ASN A 209 10.49 -19.53 27.55
C ASN A 209 9.33 -18.87 28.28
N GLU A 210 9.62 -18.32 29.46
CA GLU A 210 8.63 -17.54 30.18
C GLU A 210 7.91 -16.56 29.24
N ARG A 211 8.64 -16.01 28.27
CA ARG A 211 8.07 -15.08 27.30
C ARG A 211 7.08 -15.75 26.36
N ILE A 212 7.45 -16.89 25.84
CA ILE A 212 6.60 -17.57 24.86
C ILE A 212 5.36 -18.07 25.58
N MET A 213 5.57 -18.58 26.79
CA MET A 213 4.49 -19.02 27.62
C MET A 213 3.55 -17.85 27.89
N LEU A 214 4.07 -16.78 28.49
CA LEU A 214 3.27 -15.58 28.72
C LEU A 214 2.45 -15.22 27.49
N SER A 215 3.11 -15.18 26.34
CA SER A 215 2.41 -14.87 25.09
C SER A 215 1.29 -15.87 24.69
N LEU A 216 1.31 -17.10 25.23
CA LEU A 216 0.22 -18.08 24.98
C LEU A 216 -0.92 -17.93 25.97
N VAL A 217 -0.60 -17.46 27.14
CA VAL A 217 -1.54 -17.50 28.19
C VAL A 217 -2.22 -16.13 28.36
N SER A 218 -1.58 -15.08 27.90
CA SER A 218 -2.01 -13.74 28.22
C SER A 218 -3.23 -13.18 27.45
N THR A 219 -3.70 -13.86 26.43
CA THR A 219 -4.97 -13.45 25.82
C THR A 219 -6.09 -13.86 26.81
N GLY A 220 -7.30 -13.32 26.65
CA GLY A 220 -8.43 -13.79 27.45
C GLY A 220 -8.66 -13.13 28.79
N ASP A 221 -7.75 -12.24 29.19
CA ASP A 221 -7.89 -11.51 30.45
C ASP A 221 -8.31 -12.48 31.57
N CYS A 222 -7.49 -13.49 31.80
CA CYS A 222 -7.71 -14.44 32.88
C CYS A 222 -7.41 -13.80 34.23
N PRO A 223 -8.40 -13.76 35.12
CA PRO A 223 -8.11 -13.12 36.38
C PRO A 223 -7.31 -13.99 37.33
N PHE A 224 -6.81 -15.14 36.91
CA PHE A 224 -6.15 -16.02 37.85
C PHE A 224 -4.80 -16.39 37.38
N ILE A 225 -4.30 -15.60 36.43
CA ILE A 225 -2.93 -15.77 36.00
C ILE A 225 -2.34 -14.41 35.87
N VAL A 226 -1.05 -14.34 36.15
CA VAL A 226 -0.34 -13.11 36.03
C VAL A 226 0.14 -13.10 34.62
N CYS A 227 -0.67 -12.45 33.80
CA CYS A 227 -0.46 -12.40 32.40
C CYS A 227 0.30 -11.14 32.09
N MET A 228 0.64 -11.01 30.81
CA MET A 228 1.60 -10.06 30.31
C MET A 228 0.89 -9.24 29.26
N SER A 229 1.15 -7.94 29.31
CA SER A 229 0.69 -7.01 28.31
C SER A 229 1.80 -6.70 27.34
N TYR A 230 3.02 -6.59 27.84
CA TYR A 230 4.17 -6.27 26.98
C TYR A 230 5.42 -6.97 27.42
N ALA A 231 6.37 -7.02 26.49
CA ALA A 231 7.71 -7.44 26.78
C ALA A 231 8.62 -6.64 25.86
N PHE A 232 9.63 -6.03 26.45
CA PHE A 232 10.67 -5.33 25.70
C PHE A 232 11.98 -5.60 26.39
N HIS A 233 13.09 -5.27 25.77
CA HIS A 233 14.37 -5.33 26.46
C HIS A 233 15.21 -4.12 26.20
N THR A 234 16.24 -3.98 27.02
CA THR A 234 17.32 -3.05 26.79
C THR A 234 18.50 -3.94 26.44
N PRO A 235 19.64 -3.36 26.05
CA PRO A 235 20.76 -4.27 25.86
C PRO A 235 21.14 -5.02 27.17
N ASP A 236 20.81 -4.43 28.32
CA ASP A 236 21.09 -5.05 29.61
C ASP A 236 19.98 -5.96 30.14
N LYS A 237 18.73 -5.52 30.05
CA LYS A 237 17.66 -6.15 30.83
C LYS A 237 16.61 -6.78 29.92
N LEU A 238 15.91 -7.76 30.45
CA LEU A 238 14.66 -8.16 29.86
C LEU A 238 13.52 -7.57 30.67
N SER A 239 12.48 -7.11 29.97
CA SER A 239 11.28 -6.55 30.63
C SER A 239 10.01 -7.27 30.23
N PHE A 240 9.27 -7.70 31.24
CA PHE A 240 7.93 -8.22 31.10
C PHE A 240 6.97 -7.30 31.79
N ILE A 241 5.94 -6.82 31.10
CA ILE A 241 4.91 -6.09 31.82
C ILE A 241 3.73 -6.94 32.08
N LEU A 242 3.45 -7.10 33.36
CA LEU A 242 2.56 -8.09 33.89
C LEU A 242 1.55 -7.50 34.82
N ASP A 243 0.54 -8.33 35.11
CA ASP A 243 -0.54 -7.97 35.99
C ASP A 243 0.13 -7.72 37.29
N LEU A 244 -0.41 -6.76 38.01
CA LEU A 244 0.20 -6.28 39.21
C LEU A 244 -0.43 -6.95 40.39
N MET A 245 0.39 -7.68 41.14
CA MET A 245 -0.06 -8.37 42.36
C MET A 245 0.72 -7.88 43.54
N ASN A 246 0.10 -7.05 44.38
CA ASN A 246 0.88 -6.42 45.47
CA ASN A 246 0.77 -6.35 45.49
C ASN A 246 0.71 -7.07 46.84
N GLY A 247 0.00 -8.20 46.90
CA GLY A 247 -0.18 -8.94 48.16
C GLY A 247 0.83 -10.04 48.44
N GLY A 248 1.89 -10.15 47.63
CA GLY A 248 2.93 -11.14 47.88
C GLY A 248 2.44 -12.54 47.62
N ASP A 249 3.16 -13.54 48.11
CA ASP A 249 2.85 -14.89 47.68
C ASP A 249 2.29 -15.71 48.81
N LEU A 250 1.78 -16.88 48.48
CA LEU A 250 1.17 -17.71 49.50
C LEU A 250 2.21 -18.27 50.40
N HIS A 251 3.36 -18.59 49.83
CA HIS A 251 4.42 -19.19 50.60
C HIS A 251 4.75 -18.31 51.79
N TYR A 252 4.82 -17.00 51.57
CA TYR A 252 4.99 -16.05 52.67
C TYR A 252 3.75 -16.08 53.58
N HIS A 253 2.55 -15.94 53.04
CA HIS A 253 1.37 -15.86 53.92
C HIS A 253 1.11 -17.12 54.76
N LEU A 254 1.52 -18.26 54.23
CA LEU A 254 1.49 -19.50 54.98
C LEU A 254 2.28 -19.34 56.25
N SER A 255 3.57 -18.94 56.11
CA SER A 255 4.37 -18.52 57.26
C SER A 255 3.60 -17.65 58.20
N GLN A 256 3.21 -16.46 57.75
CA GLN A 256 2.63 -15.45 58.64
C GLN A 256 1.31 -15.84 59.35
N HIS A 257 0.44 -16.53 58.64
CA HIS A 257 -0.86 -16.90 59.18
C HIS A 257 -0.84 -18.32 59.76
N GLY A 258 0.14 -19.11 59.31
CA GLY A 258 0.15 -20.54 59.58
C GLY A 258 -0.84 -21.27 58.70
N VAL A 259 -0.74 -22.61 58.75
CA VAL A 259 -1.60 -23.53 58.01
C VAL A 259 -3.06 -23.10 57.94
N PHE A 260 -3.72 -23.50 56.86
CA PHE A 260 -5.07 -23.02 56.58
C PHE A 260 -6.11 -24.01 56.93
N SER A 261 -7.24 -23.47 57.37
CA SER A 261 -8.45 -24.24 57.47
C SER A 261 -8.81 -24.74 56.08
N GLU A 262 -9.66 -25.75 56.05
CA GLU A 262 -10.09 -26.33 54.80
C GLU A 262 -10.83 -25.25 54.05
N ALA A 263 -11.68 -24.51 54.76
CA ALA A 263 -12.56 -23.57 54.08
C ALA A 263 -11.74 -22.46 53.43
N ASP A 264 -10.74 -21.98 54.17
CA ASP A 264 -9.80 -21.03 53.62
C ASP A 264 -9.05 -21.61 52.42
N MET A 265 -8.61 -22.85 52.51
CA MET A 265 -7.94 -23.49 51.38
C MET A 265 -8.87 -23.67 50.21
N ARG A 266 -10.17 -23.76 50.44
CA ARG A 266 -11.11 -23.99 49.34
C ARG A 266 -11.08 -22.81 48.44
N PHE A 267 -10.96 -21.65 49.03
CA PHE A 267 -10.89 -20.44 48.28
C PHE A 267 -9.68 -20.48 47.34
N TYR A 268 -8.50 -20.60 47.88
CA TYR A 268 -7.34 -20.57 47.04
C TYR A 268 -7.40 -21.57 45.92
N ALA A 269 -7.94 -22.74 46.16
CA ALA A 269 -7.89 -23.78 45.13
C ALA A 269 -8.82 -23.44 44.04
N ALA A 270 -9.95 -22.91 44.45
CA ALA A 270 -10.97 -22.57 43.50
C ALA A 270 -10.34 -21.72 42.44
N GLU A 271 -9.70 -20.65 42.88
CA GLU A 271 -9.19 -19.68 41.98
C GLU A 271 -8.00 -20.24 41.21
N ILE A 272 -7.13 -20.95 41.90
CA ILE A 272 -5.99 -21.58 41.26
C ILE A 272 -6.40 -22.52 40.15
N ILE A 273 -7.54 -23.16 40.34
CA ILE A 273 -7.99 -24.17 39.40
C ILE A 273 -8.33 -23.45 38.12
N LEU A 274 -9.10 -22.39 38.25
CA LEU A 274 -9.50 -21.63 37.09
C LEU A 274 -8.28 -21.14 36.29
N GLY A 275 -7.20 -20.80 36.99
CA GLY A 275 -5.96 -20.44 36.34
C GLY A 275 -5.41 -21.58 35.55
N LEU A 276 -5.32 -22.73 36.19
CA LEU A 276 -4.85 -23.96 35.51
C LEU A 276 -5.73 -24.26 34.27
N GLU A 277 -7.03 -24.29 34.49
CA GLU A 277 -7.95 -24.48 33.40
C GLU A 277 -7.57 -23.57 32.23
N HIS A 278 -7.23 -22.33 32.54
CA HIS A 278 -6.99 -21.36 31.49
C HIS A 278 -5.77 -21.76 30.66
N MET A 279 -4.73 -22.10 31.38
CA MET A 279 -3.55 -22.50 30.69
C MET A 279 -3.85 -23.76 30.00
N HIS A 280 -4.37 -24.75 30.73
CA HIS A 280 -4.48 -26.08 30.14
C HIS A 280 -5.24 -26.01 28.81
N ASN A 281 -6.27 -25.15 28.72
CA ASN A 281 -6.99 -24.95 27.47
C ASN A 281 -6.15 -24.38 26.33
N ARG A 282 -5.02 -23.78 26.68
CA ARG A 282 -4.03 -23.33 25.69
C ARG A 282 -2.78 -24.21 25.72
N PHE A 283 -2.95 -25.43 26.21
CA PHE A 283 -1.97 -26.49 26.00
C PHE A 283 -0.66 -26.05 26.61
N VAL A 284 -0.77 -25.49 27.80
CA VAL A 284 0.37 -25.10 28.59
C VAL A 284 0.21 -25.65 30.00
N VAL A 285 1.27 -26.34 30.46
CA VAL A 285 1.35 -26.85 31.83
C VAL A 285 2.30 -25.98 32.62
N TYR A 286 1.83 -25.53 33.76
CA TYR A 286 2.64 -24.71 34.65
C TYR A 286 3.86 -25.45 35.28
N ARG A 287 3.71 -26.74 35.51
CA ARG A 287 4.79 -27.60 35.96
C ARG A 287 5.39 -27.30 37.32
N ASP A 288 5.20 -26.09 37.84
CA ASP A 288 5.95 -25.61 39.00
C ASP A 288 4.98 -25.08 40.05
N LEU A 289 3.81 -25.69 40.12
CA LEU A 289 2.78 -25.14 40.97
C LEU A 289 3.16 -25.33 42.43
N LYS A 290 3.19 -24.23 43.19
CA LYS A 290 3.44 -24.29 44.65
C LYS A 290 3.06 -22.93 45.29
N PRO A 291 2.99 -22.85 46.63
CA PRO A 291 2.53 -21.60 47.28
C PRO A 291 3.24 -20.34 46.85
N ALA A 292 4.56 -20.42 46.65
CA ALA A 292 5.34 -19.25 46.27
C ALA A 292 5.08 -18.71 44.85
N ASN A 293 4.44 -19.49 43.97
CA ASN A 293 3.98 -18.98 42.65
C ASN A 293 2.51 -18.55 42.63
N ILE A 294 1.92 -18.51 43.80
CA ILE A 294 0.56 -18.05 43.94
C ILE A 294 0.66 -16.70 44.59
N LEU A 295 0.39 -15.67 43.83
CA LEU A 295 0.49 -14.32 44.34
C LEU A 295 -0.90 -13.88 44.71
N LEU A 296 -0.99 -12.99 45.69
CA LEU A 296 -2.22 -12.40 46.12
C LEU A 296 -2.29 -10.98 45.61
N ASP A 297 -3.44 -10.60 45.09
CA ASP A 297 -3.65 -9.24 44.75
C ASP A 297 -3.94 -8.50 46.06
N GLU A 298 -4.34 -7.24 45.95
CA GLU A 298 -4.52 -6.38 47.10
C GLU A 298 -5.62 -6.94 48.00
N HIS A 299 -6.62 -7.57 47.37
CA HIS A 299 -7.79 -8.00 48.13
C HIS A 299 -7.76 -9.43 48.68
N GLY A 300 -6.74 -10.21 48.33
CA GLY A 300 -6.62 -11.58 48.81
C GLY A 300 -6.84 -12.62 47.74
N HIS A 301 -7.20 -12.19 46.53
CA HIS A 301 -7.48 -13.11 45.45
C HIS A 301 -6.18 -13.41 44.84
N VAL A 302 -6.04 -14.59 44.28
CA VAL A 302 -4.76 -15.05 43.86
C VAL A 302 -4.71 -15.31 42.39
N ARG A 303 -3.48 -15.43 41.92
CA ARG A 303 -3.16 -15.65 40.52
C ARG A 303 -1.93 -16.55 40.47
N ILE A 304 -1.77 -17.28 39.39
CA ILE A 304 -0.58 -18.10 39.22
C ILE A 304 0.41 -17.26 38.46
N SER A 305 1.65 -17.26 38.91
CA SER A 305 2.62 -16.39 38.32
C SER A 305 3.85 -17.13 37.99
N ASP A 306 4.58 -16.64 37.02
CA ASP A 306 5.97 -17.00 36.83
C ASP A 306 6.01 -18.31 36.07
N LEU A 307 5.71 -18.18 34.78
CA LEU A 307 5.68 -19.30 33.87
C LEU A 307 7.08 -19.70 33.40
N GLY A 308 8.13 -19.24 34.06
CA GLY A 308 9.45 -19.72 33.73
C GLY A 308 9.42 -21.16 33.24
N LEU A 309 9.24 -22.07 34.20
CA LEU A 309 9.26 -23.54 33.97
C LEU A 309 8.00 -24.14 33.34
N ALA A 310 7.00 -23.31 33.02
CA ALA A 310 5.87 -23.77 32.23
C ALA A 310 6.33 -24.25 30.87
N CYS A 311 5.41 -24.73 30.04
CA CYS A 311 5.79 -25.59 28.92
C CYS A 311 4.57 -25.83 28.07
N ASP A 312 4.75 -25.69 26.75
CA ASP A 312 3.68 -25.85 25.78
C ASP A 312 3.71 -27.32 25.47
N PHE A 313 2.54 -27.85 25.11
CA PHE A 313 2.41 -29.21 24.61
C PHE A 313 1.35 -29.36 23.50
N SER A 314 0.92 -28.25 22.88
CA SER A 314 -0.08 -28.32 21.82
C SER A 314 0.39 -29.24 20.67
N LYS A 315 1.70 -29.53 20.63
CA LYS A 315 2.26 -30.62 19.81
C LYS A 315 3.11 -31.64 20.60
N LYS A 316 4.38 -31.36 20.81
CA LYS A 316 5.24 -32.33 21.52
C LYS A 316 5.08 -32.29 23.04
N LYS A 317 5.38 -33.41 23.68
CA LYS A 317 5.11 -33.59 25.11
C LYS A 317 6.38 -33.54 25.95
N PRO A 318 6.35 -32.79 27.05
CA PRO A 318 7.50 -32.75 27.96
C PRO A 318 7.74 -34.08 28.67
N HIS A 319 8.98 -34.30 29.10
CA HIS A 319 9.29 -35.44 29.95
C HIS A 319 10.23 -35.15 31.15
N ALA A 320 10.96 -34.04 31.12
CA ALA A 320 12.02 -33.81 32.10
C ALA A 320 11.52 -33.47 33.52
N SER A 321 12.30 -33.89 34.52
CA SER A 321 12.11 -33.51 35.94
C SER A 321 12.22 -32.00 36.13
N VAL A 322 11.09 -31.31 36.02
CA VAL A 322 11.05 -29.87 36.24
C VAL A 322 9.87 -29.50 37.11
N GLY A 323 10.09 -28.53 37.98
CA GLY A 323 9.18 -28.20 39.07
C GLY A 323 9.96 -28.17 40.37
N THR A 324 9.29 -27.78 41.46
CA THR A 324 9.92 -27.74 42.78
C THR A 324 9.74 -29.08 43.50
N HIS A 325 10.74 -29.47 44.27
CA HIS A 325 10.76 -30.76 44.93
C HIS A 325 9.68 -30.75 45.99
N GLY A 326 8.78 -31.75 45.96
CA GLY A 326 7.57 -31.81 46.81
C GLY A 326 6.24 -31.68 46.03
N TYR A 327 6.32 -31.21 44.78
CA TYR A 327 5.14 -30.92 43.95
C TYR A 327 5.17 -31.52 42.57
N MET A 328 6.26 -32.16 42.24
CA MET A 328 6.40 -32.69 40.92
C MET A 328 5.71 -34.05 40.93
N ALA A 329 4.99 -34.32 39.86
CA ALA A 329 4.27 -35.59 39.74
C ALA A 329 5.27 -36.75 39.67
N PRO A 330 4.76 -37.99 39.60
CA PRO A 330 5.65 -39.10 39.31
C PRO A 330 6.16 -39.02 37.88
N GLU A 331 5.24 -38.94 36.92
CA GLU A 331 5.61 -38.93 35.49
C GLU A 331 6.48 -37.71 35.12
N VAL A 332 6.45 -36.67 35.95
CA VAL A 332 7.45 -35.61 35.88
C VAL A 332 8.81 -36.19 36.32
N LEU A 333 8.97 -36.47 37.62
CA LEU A 333 10.25 -36.91 38.16
C LEU A 333 10.85 -38.06 37.35
N GLN A 334 9.99 -39.00 36.93
CA GLN A 334 10.38 -40.15 36.12
C GLN A 334 10.83 -39.72 34.71
N LYS A 335 12.14 -39.51 34.56
CA LYS A 335 12.72 -39.07 33.29
C LYS A 335 12.54 -40.14 32.22
N GLY A 336 12.45 -39.68 30.98
CA GLY A 336 11.92 -40.48 29.89
C GLY A 336 10.43 -40.24 29.71
N VAL A 337 9.66 -40.42 30.78
CA VAL A 337 8.19 -40.45 30.70
C VAL A 337 7.58 -39.10 30.28
N ALA A 338 6.86 -39.11 29.16
CA ALA A 338 6.20 -37.91 28.63
C ALA A 338 5.10 -37.48 29.60
N TYR A 339 4.40 -36.38 29.30
CA TYR A 339 3.23 -35.97 30.10
C TYR A 339 2.64 -34.64 29.66
N ASP A 340 1.51 -34.28 30.28
CA ASP A 340 0.76 -33.06 29.96
C ASP A 340 0.08 -32.43 31.23
N SER A 341 -1.06 -31.73 31.05
CA SER A 341 -1.87 -31.19 32.15
C SER A 341 -1.64 -31.88 33.49
N SER A 342 -1.58 -33.21 33.42
CA SER A 342 -1.51 -34.09 34.59
C SER A 342 -0.71 -33.54 35.76
N ALA A 343 0.56 -33.19 35.52
CA ALA A 343 1.42 -32.78 36.64
C ALA A 343 0.83 -31.66 37.52
N ASP A 344 0.24 -30.64 36.90
CA ASP A 344 -0.23 -29.50 37.67
C ASP A 344 -1.21 -29.97 38.69
N TRP A 345 -2.19 -30.76 38.22
CA TRP A 345 -3.18 -31.36 39.11
C TRP A 345 -2.48 -32.11 40.25
N PHE A 346 -1.46 -32.88 39.93
CA PHE A 346 -0.71 -33.50 41.00
C PHE A 346 -0.17 -32.45 41.97
N SER A 347 0.68 -31.56 41.46
CA SER A 347 1.22 -30.46 42.26
C SER A 347 0.12 -29.77 43.04
N LEU A 348 -1.02 -29.58 42.36
CA LEU A 348 -2.16 -28.97 42.98
C LEU A 348 -2.40 -29.62 44.33
N GLY A 349 -2.56 -30.94 44.34
CA GLY A 349 -2.78 -31.69 45.58
C GLY A 349 -1.66 -31.48 46.57
N CYS A 350 -0.43 -31.64 46.07
CA CYS A 350 0.73 -31.48 46.91
C CYS A 350 0.64 -30.13 47.58
N MET A 351 0.30 -29.16 46.76
CA MET A 351 0.22 -27.79 47.18
C MET A 351 -0.86 -27.56 48.22
N LEU A 352 -2.04 -28.12 47.99
CA LEU A 352 -3.14 -27.88 48.89
C LEU A 352 -2.85 -28.59 50.19
N PHE A 353 -2.20 -29.74 50.07
CA PHE A 353 -1.84 -30.49 51.25
C PHE A 353 -0.94 -29.60 52.10
N LYS A 354 0.02 -28.96 51.44
CA LYS A 354 0.93 -28.06 52.11
C LYS A 354 0.20 -26.94 52.81
N LEU A 355 -0.84 -26.39 52.21
CA LEU A 355 -1.52 -25.26 52.85
C LEU A 355 -2.30 -25.71 54.08
N LEU A 356 -2.64 -26.98 54.13
CA LEU A 356 -3.34 -27.51 55.28
C LEU A 356 -2.36 -27.90 56.35
N ARG A 357 -1.24 -28.48 55.92
CA ARG A 357 -0.35 -29.17 56.84
C ARG A 357 1.00 -28.51 57.14
N GLY A 358 1.37 -27.48 56.39
CA GLY A 358 2.57 -26.68 56.69
C GLY A 358 3.83 -27.16 55.99
N HIS A 359 3.75 -28.32 55.33
CA HIS A 359 4.88 -28.94 54.63
C HIS A 359 4.29 -29.82 53.53
N SER A 360 5.09 -30.17 52.52
CA SER A 360 4.61 -30.99 51.43
C SER A 360 4.29 -32.35 51.97
N PRO A 361 3.37 -33.06 51.30
CA PRO A 361 2.97 -34.35 51.83
C PRO A 361 4.11 -35.36 51.82
N PHE A 362 5.05 -35.20 50.88
CA PHE A 362 6.22 -36.06 50.77
C PHE A 362 7.41 -35.37 51.43
N ARG A 363 7.25 -35.10 52.72
CA ARG A 363 8.25 -34.37 53.49
C ARG A 363 7.95 -34.53 54.97
N GLN A 364 8.02 -35.77 55.46
CA GLN A 364 7.79 -36.03 56.86
C GLN A 364 9.02 -35.56 57.64
N HIS A 365 8.91 -35.60 58.98
CA HIS A 365 9.97 -35.19 59.93
C HIS A 365 10.89 -34.02 59.47
N LYS A 366 10.30 -33.08 58.74
CA LYS A 366 11.03 -31.94 58.18
C LYS A 366 12.42 -32.31 57.66
N THR A 367 12.43 -33.34 56.81
CA THR A 367 13.62 -33.65 56.01
C THR A 367 13.87 -32.52 55.05
N LYS A 368 15.12 -32.35 54.68
CA LYS A 368 15.49 -31.34 53.70
C LYS A 368 16.25 -32.00 52.55
N ASP A 369 15.95 -33.27 52.29
CA ASP A 369 16.68 -34.07 51.31
C ASP A 369 15.81 -34.31 50.04
N LYS A 370 16.26 -33.69 48.94
CA LYS A 370 15.67 -33.81 47.60
C LYS A 370 15.43 -35.28 47.22
N HIS A 371 16.50 -36.07 47.31
CA HIS A 371 16.43 -37.47 46.91
C HIS A 371 15.42 -38.22 47.76
N GLU A 372 15.23 -37.80 49.02
CA GLU A 372 14.30 -38.46 49.95
C GLU A 372 12.84 -38.30 49.57
N ILE A 373 12.51 -37.11 49.08
CA ILE A 373 11.13 -36.76 48.67
C ILE A 373 10.81 -37.44 47.34
N ASP A 374 11.71 -37.24 46.38
CA ASP A 374 11.59 -37.84 45.05
C ASP A 374 11.00 -39.24 45.12
N ARG A 375 11.77 -40.16 45.72
CA ARG A 375 11.45 -41.58 45.69
C ARG A 375 10.13 -41.93 46.40
N MET A 376 9.83 -41.24 47.49
CA MET A 376 8.58 -41.49 48.22
C MET A 376 7.41 -41.25 47.28
N THR A 377 7.39 -40.08 46.65
CA THR A 377 6.39 -39.72 45.66
C THR A 377 6.22 -40.79 44.57
N LEU A 378 7.34 -41.28 44.04
CA LEU A 378 7.32 -42.29 42.99
C LEU A 378 6.39 -43.46 43.32
N THR A 379 6.38 -43.86 44.59
CA THR A 379 5.57 -44.99 45.01
C THR A 379 5.29 -45.01 46.52
N MET A 380 4.25 -44.27 46.93
CA MET A 380 3.74 -44.22 48.33
C MET A 380 2.55 -43.22 48.42
N ALA A 381 1.33 -43.75 48.33
CA ALA A 381 0.14 -42.93 48.54
C ALA A 381 0.23 -42.34 49.93
N VAL A 382 -0.38 -41.18 50.11
CA VAL A 382 0.01 -40.35 51.24
C VAL A 382 -0.84 -40.57 52.49
N GLU A 383 -0.16 -40.51 53.63
CA GLU A 383 -0.83 -40.43 54.93
C GLU A 383 -1.73 -39.20 55.01
N LEU A 384 -3.05 -39.38 54.94
CA LEU A 384 -3.97 -38.26 55.04
C LEU A 384 -4.55 -38.16 56.46
N PRO A 385 -4.16 -37.11 57.22
CA PRO A 385 -4.44 -36.98 58.67
C PRO A 385 -5.88 -37.19 59.14
N ASP A 386 -6.00 -37.55 60.43
CA ASP A 386 -7.30 -37.79 61.09
C ASP A 386 -8.24 -36.61 60.86
N SER A 387 -7.70 -35.40 61.00
CA SER A 387 -8.48 -34.16 61.01
C SER A 387 -9.14 -33.85 59.66
N PHE A 388 -8.61 -34.38 58.56
CA PHE A 388 -9.15 -34.09 57.23
C PHE A 388 -10.52 -34.64 57.02
N SER A 389 -11.40 -33.83 56.42
CA SER A 389 -12.75 -34.25 56.13
C SER A 389 -12.73 -35.21 54.94
N PRO A 390 -13.82 -35.96 54.77
CA PRO A 390 -13.90 -36.92 53.66
C PRO A 390 -13.94 -36.25 52.31
N GLU A 391 -14.69 -35.16 52.19
CA GLU A 391 -14.72 -34.37 50.97
C GLU A 391 -13.28 -33.95 50.58
N LEU A 392 -12.50 -33.52 51.56
CA LEU A 392 -11.14 -33.14 51.30
C LEU A 392 -10.37 -34.38 50.92
N ARG A 393 -10.37 -35.32 51.86
CA ARG A 393 -9.70 -36.60 51.71
C ARG A 393 -9.89 -37.14 50.31
N SER A 394 -11.12 -37.10 49.82
CA SER A 394 -11.42 -37.57 48.48
C SER A 394 -10.65 -36.78 47.46
N LEU A 395 -10.76 -35.46 47.56
CA LEU A 395 -10.10 -34.54 46.65
C LEU A 395 -8.60 -34.76 46.60
N LEU A 396 -7.94 -34.76 47.75
CA LEU A 396 -6.51 -35.03 47.72
C LEU A 396 -6.16 -36.37 47.04
N GLU A 397 -6.74 -37.45 47.55
CA GLU A 397 -6.65 -38.78 46.91
C GLU A 397 -6.72 -38.63 45.41
N GLY A 398 -7.80 -38.01 44.93
CA GLY A 398 -8.00 -37.82 43.51
C GLY A 398 -6.79 -37.15 42.87
N LEU A 399 -6.34 -36.06 43.49
CA LEU A 399 -5.27 -35.26 42.92
C LEU A 399 -3.93 -35.95 43.00
N LEU A 400 -3.66 -36.55 44.15
CA LEU A 400 -2.36 -37.13 44.40
C LEU A 400 -2.24 -38.59 43.97
N GLN A 401 -3.24 -39.08 43.26
CA GLN A 401 -3.12 -40.28 42.46
C GLN A 401 -1.76 -40.33 41.79
N ARG A 402 -0.91 -41.30 42.13
CA ARG A 402 0.37 -41.46 41.41
C ARG A 402 0.09 -42.01 40.01
N ASP A 403 -1.02 -42.73 39.89
CA ASP A 403 -1.48 -43.23 38.61
C ASP A 403 -2.17 -42.09 37.88
N VAL A 404 -1.58 -41.66 36.76
CA VAL A 404 -2.11 -40.55 35.96
C VAL A 404 -3.39 -40.95 35.19
N ASN A 405 -3.52 -42.24 34.89
CA ASN A 405 -4.67 -42.76 34.17
C ASN A 405 -5.97 -42.65 35.01
N ARG A 406 -5.81 -42.52 36.33
CA ARG A 406 -6.96 -42.36 37.21
C ARG A 406 -6.77 -41.19 38.21
N ARG A 407 -6.32 -40.05 37.66
CA ARG A 407 -5.94 -38.84 38.44
C ARG A 407 -6.97 -37.76 38.25
N LEU A 408 -7.43 -37.19 39.36
CA LEU A 408 -8.55 -36.24 39.34
C LEU A 408 -8.18 -35.03 38.49
N GLY A 409 -8.98 -34.77 37.47
CA GLY A 409 -8.64 -33.76 36.45
C GLY A 409 -7.70 -34.28 35.37
N CYS A 410 -7.68 -35.59 35.15
CA CYS A 410 -6.88 -36.17 34.06
C CYS A 410 -7.65 -37.18 33.23
N LEU A 411 -8.97 -37.13 33.29
CA LEU A 411 -9.78 -38.14 32.65
C LEU A 411 -10.56 -37.57 31.45
N GLY A 412 -10.03 -36.51 30.83
CA GLY A 412 -10.56 -35.96 29.57
C GLY A 412 -11.57 -34.82 29.66
N ARG A 413 -11.80 -34.33 30.87
CA ARG A 413 -12.56 -33.09 31.03
C ARG A 413 -11.76 -32.05 31.84
N GLY A 414 -10.51 -32.37 32.17
CA GLY A 414 -9.64 -31.53 33.00
C GLY A 414 -10.29 -30.81 34.17
N ALA A 415 -10.09 -29.51 34.20
CA ALA A 415 -10.55 -28.70 35.29
C ALA A 415 -11.92 -29.16 35.78
N GLN A 416 -12.84 -29.36 34.84
CA GLN A 416 -14.22 -29.62 35.23
C GLN A 416 -14.30 -30.77 36.23
N GLU A 417 -13.54 -31.83 36.00
CA GLU A 417 -13.49 -32.95 36.93
C GLU A 417 -13.31 -32.44 38.34
N VAL A 418 -12.30 -31.61 38.55
CA VAL A 418 -11.96 -31.13 39.88
C VAL A 418 -13.00 -30.19 40.49
N LYS A 419 -13.63 -29.37 39.65
CA LYS A 419 -14.66 -28.46 40.15
C LYS A 419 -15.79 -29.25 40.81
N GLU A 420 -15.96 -30.49 40.35
CA GLU A 420 -17.03 -31.37 40.82
C GLU A 420 -16.70 -32.17 42.08
N SER A 421 -15.45 -32.24 42.50
CA SER A 421 -15.20 -32.82 43.82
C SER A 421 -16.20 -32.30 44.88
N PRO A 422 -16.66 -33.20 45.76
CA PRO A 422 -17.50 -32.80 46.88
C PRO A 422 -16.88 -31.70 47.73
N PHE A 423 -15.56 -31.56 47.62
CA PHE A 423 -14.87 -30.50 48.32
C PHE A 423 -15.41 -29.13 47.96
N PHE A 424 -15.74 -28.96 46.69
CA PHE A 424 -16.26 -27.72 46.16
C PHE A 424 -17.76 -27.75 45.89
N ARG A 425 -18.40 -28.88 46.19
CA ARG A 425 -19.85 -28.93 46.31
C ARG A 425 -20.44 -27.54 46.51
N SER A 426 -19.97 -26.80 47.52
CA SER A 426 -20.68 -25.58 47.96
C SER A 426 -20.43 -24.29 47.18
N LEU A 427 -19.65 -24.38 46.11
CA LEU A 427 -19.26 -23.22 45.33
C LEU A 427 -19.95 -23.08 44.00
N ASP A 428 -20.39 -21.87 43.73
CA ASP A 428 -20.77 -21.45 42.40
C ASP A 428 -19.51 -20.98 41.64
N TRP A 429 -19.11 -21.71 40.59
CA TRP A 429 -17.89 -21.39 39.86
C TRP A 429 -17.91 -20.10 39.05
N GLN A 430 -19.08 -19.58 38.67
CA GLN A 430 -19.13 -18.26 38.07
C GLN A 430 -18.73 -17.25 39.13
N MET A 431 -19.20 -17.45 40.35
CA MET A 431 -18.86 -16.56 41.45
C MET A 431 -17.37 -16.61 41.76
N VAL A 432 -16.74 -17.74 41.56
CA VAL A 432 -15.33 -17.83 41.77
C VAL A 432 -14.70 -16.98 40.70
N PHE A 433 -15.09 -17.26 39.47
CA PHE A 433 -14.56 -16.54 38.34
C PHE A 433 -14.78 -15.02 38.39
N LEU A 434 -15.89 -14.58 38.97
CA LEU A 434 -16.14 -13.18 39.09
C LEU A 434 -15.45 -12.66 40.32
N GLN A 435 -14.65 -13.51 40.96
CA GLN A 435 -13.89 -13.19 42.15
C GLN A 435 -14.76 -12.69 43.25
N LYS A 436 -15.95 -13.25 43.35
CA LYS A 436 -16.95 -12.83 44.36
C LYS A 436 -16.88 -13.50 45.72
N TYR A 437 -15.98 -14.45 45.91
CA TYR A 437 -15.79 -15.10 47.20
C TYR A 437 -14.85 -14.26 48.02
N PRO A 438 -15.10 -14.23 49.32
CA PRO A 438 -14.31 -13.45 50.24
C PRO A 438 -13.06 -14.21 50.46
N PRO A 439 -11.91 -13.56 50.30
CA PRO A 439 -10.69 -14.29 50.46
C PRO A 439 -10.34 -14.39 51.93
N PRO A 440 -9.75 -15.49 52.32
CA PRO A 440 -9.44 -15.68 53.69
C PRO A 440 -8.54 -14.58 54.15
N LEU A 441 -7.39 -14.49 53.53
CA LEU A 441 -6.35 -13.64 54.02
C LEU A 441 -6.34 -12.37 53.22
N ILE A 442 -6.51 -11.23 53.88
CA ILE A 442 -6.26 -9.95 53.22
C ILE A 442 -4.85 -9.52 53.50
N PRO A 443 -4.03 -9.31 52.45
CA PRO A 443 -2.64 -8.93 52.71
C PRO A 443 -2.55 -7.60 53.45
N PRO A 444 -1.58 -7.47 54.38
CA PRO A 444 -1.32 -6.16 54.98
C PRO A 444 -0.76 -5.13 53.95
N ARG A 445 -0.65 -3.87 54.38
CA ARG A 445 -0.40 -2.75 53.47
C ARG A 445 1.09 -2.57 53.09
N THR A 464 28.22 -7.83 40.41
CA THR A 464 29.01 -8.93 40.98
C THR A 464 29.36 -10.04 39.94
N LYS A 465 30.08 -9.65 38.87
CA LYS A 465 30.65 -10.57 37.87
C LYS A 465 31.82 -9.93 37.07
N GLY A 466 32.23 -10.63 36.00
CA GLY A 466 33.00 -10.02 34.90
C GLY A 466 32.50 -10.46 33.52
N ILE A 467 31.23 -10.87 33.44
CA ILE A 467 30.61 -11.42 32.22
C ILE A 467 30.42 -10.33 31.18
N LYS A 468 30.49 -10.70 29.90
CA LYS A 468 30.35 -9.75 28.77
C LYS A 468 29.20 -10.16 27.85
N LEU A 469 28.76 -9.22 27.00
CA LEU A 469 27.50 -9.36 26.24
C LEU A 469 27.63 -9.31 24.70
N LEU A 470 27.84 -10.48 24.11
CA LEU A 470 28.21 -10.59 22.70
C LEU A 470 27.05 -10.47 21.75
N ASP A 471 27.37 -10.27 20.47
CA ASP A 471 26.39 -10.31 19.39
C ASP A 471 25.60 -11.62 19.44
N SER A 472 26.29 -12.71 19.71
CA SER A 472 25.67 -14.03 19.82
C SER A 472 24.78 -14.18 21.06
N ASP A 473 24.95 -13.32 22.05
CA ASP A 473 24.06 -13.31 23.20
C ASP A 473 22.77 -12.57 22.82
N GLN A 474 22.93 -11.32 22.42
CA GLN A 474 21.83 -10.44 22.03
C GLN A 474 20.97 -11.01 20.91
N GLU A 475 21.51 -11.89 20.08
CA GLU A 475 20.72 -12.49 19.00
C GLU A 475 19.64 -13.45 19.58
N LEU A 476 19.90 -13.96 20.79
CA LEU A 476 18.99 -14.88 21.45
C LEU A 476 17.68 -14.21 21.84
N TYR A 477 17.77 -12.93 22.17
CA TYR A 477 16.63 -12.15 22.57
C TYR A 477 16.10 -11.30 21.43
N ARG A 478 16.18 -11.80 20.20
CA ARG A 478 15.85 -10.92 19.08
C ARG A 478 14.36 -10.78 18.96
N ASN A 479 13.63 -11.86 19.17
CA ASN A 479 12.18 -11.78 19.04
C ASN A 479 11.48 -11.73 20.38
N PHE A 480 12.24 -11.43 21.43
CA PHE A 480 11.69 -11.18 22.76
C PHE A 480 10.65 -10.04 22.83
N PRO A 481 10.95 -8.87 22.23
CA PRO A 481 9.99 -7.75 22.25
C PRO A 481 8.62 -8.17 21.72
N LEU A 482 7.56 -7.51 22.19
CA LEU A 482 6.22 -7.96 21.90
C LEU A 482 5.22 -7.08 22.55
N THR A 483 4.14 -6.77 21.84
CA THR A 483 2.96 -6.20 22.47
C THR A 483 1.81 -7.18 22.34
N ILE A 484 1.01 -7.30 23.38
CA ILE A 484 -0.21 -8.10 23.29
C ILE A 484 -1.37 -7.14 22.95
N SER A 485 -1.94 -7.31 21.75
CA SER A 485 -2.89 -6.35 21.22
C SER A 485 -4.10 -6.21 22.14
N GLU A 486 -4.74 -7.33 22.42
CA GLU A 486 -5.80 -7.38 23.42
C GLU A 486 -5.48 -6.54 24.66
N ARG A 487 -4.35 -6.80 25.29
CA ARG A 487 -4.00 -6.16 26.56
C ARG A 487 -3.82 -4.68 26.41
N TRP A 488 -3.19 -4.26 25.32
CA TRP A 488 -2.99 -2.84 25.01
C TRP A 488 -4.32 -2.15 24.66
N GLN A 489 -5.15 -2.81 23.89
CA GLN A 489 -6.41 -2.18 23.55
C GLN A 489 -7.31 -2.08 24.75
N GLN A 490 -7.32 -3.11 25.58
CA GLN A 490 -8.08 -3.06 26.80
C GLN A 490 -7.57 -1.92 27.67
N GLU A 491 -6.26 -1.89 27.83
CA GLU A 491 -5.62 -0.86 28.59
C GLU A 491 -6.09 0.48 28.12
N VAL A 492 -6.12 0.66 26.79
CA VAL A 492 -6.45 1.94 26.21
C VAL A 492 -7.91 2.18 26.42
N ALA A 493 -8.72 1.18 26.06
CA ALA A 493 -10.18 1.26 26.11
C ALA A 493 -10.68 1.88 27.41
N GLU A 494 -10.12 1.43 28.52
CA GLU A 494 -10.59 1.82 29.83
C GLU A 494 -9.91 3.04 30.37
N THR A 495 -8.77 3.42 29.82
CA THR A 495 -8.11 4.61 30.30
C THR A 495 -8.48 5.81 29.41
N VAL A 496 -7.65 6.06 28.39
CA VAL A 496 -7.66 7.29 27.61
C VAL A 496 -8.42 7.25 26.26
N PHE A 497 -8.88 6.08 25.84
CA PHE A 497 -9.51 5.97 24.56
C PHE A 497 -10.59 7.01 24.33
N ASP A 498 -11.47 7.18 25.30
CA ASP A 498 -12.57 8.11 25.11
C ASP A 498 -12.04 9.54 25.08
N THR A 499 -11.37 10.03 26.13
CA THR A 499 -10.91 11.43 26.07
C THR A 499 -9.99 11.69 24.86
N ILE A 500 -9.11 10.75 24.52
CA ILE A 500 -8.22 10.96 23.39
C ILE A 500 -9.04 11.15 22.14
N ASN A 501 -10.15 10.43 22.02
CA ASN A 501 -10.98 10.51 20.82
C ASN A 501 -11.64 11.85 20.61
N ALA A 502 -12.20 12.41 21.68
CA ALA A 502 -12.67 13.80 21.69
C ALA A 502 -11.55 14.79 21.32
N GLU A 503 -10.48 14.81 22.10
CA GLU A 503 -9.33 15.71 21.88
C GLU A 503 -8.87 15.69 20.43
N THR A 504 -8.81 14.49 19.87
CA THR A 504 -8.37 14.34 18.50
C THR A 504 -9.48 14.82 17.58
N ASP A 505 -10.71 14.35 17.80
CA ASP A 505 -11.88 14.84 17.04
C ASP A 505 -11.85 16.35 16.91
N ARG A 506 -11.62 17.02 18.04
CA ARG A 506 -11.56 18.48 18.10
C ARG A 506 -10.42 19.03 17.25
N LEU A 507 -9.22 18.48 17.40
CA LEU A 507 -8.10 18.92 16.57
C LEU A 507 -8.38 18.79 15.06
N GLU A 508 -9.00 17.67 14.65
CA GLU A 508 -9.24 17.45 13.23
C GLU A 508 -10.26 18.44 12.66
N ALA A 509 -11.44 18.53 13.28
CA ALA A 509 -12.49 19.44 12.81
C ALA A 509 -12.14 20.95 12.94
N ARG A 510 -11.15 21.28 13.78
CA ARG A 510 -10.54 22.62 13.77
C ARG A 510 -9.79 22.83 12.46
N LYS A 511 -8.92 21.88 12.13
CA LYS A 511 -8.08 21.97 10.93
C LYS A 511 -8.90 21.80 9.64
N LYS A 512 -10.11 21.27 9.74
CA LYS A 512 -11.04 21.29 8.61
C LYS A 512 -11.45 22.72 8.27
N THR A 513 -11.52 23.57 9.30
CA THR A 513 -11.88 24.99 9.17
C THR A 513 -10.71 25.84 8.64
N LYS A 514 -9.52 25.65 9.20
CA LYS A 514 -8.31 26.35 8.71
C LYS A 514 -7.82 25.85 7.35
N ASN A 515 -8.47 24.80 6.85
CA ASN A 515 -8.33 24.41 5.45
C ASN A 515 -9.33 25.21 4.60
N LYS A 516 -10.58 25.26 5.08
CA LYS A 516 -11.69 25.91 4.37
C LYS A 516 -11.60 27.45 4.26
N GLN A 517 -11.10 28.12 5.31
CA GLN A 517 -10.82 29.56 5.21
C GLN A 517 -9.74 29.80 4.17
N LEU A 518 -8.54 29.27 4.44
CA LEU A 518 -7.40 29.38 3.50
C LEU A 518 -7.71 28.85 2.10
N GLY A 519 -8.70 27.98 1.99
CA GLY A 519 -9.26 27.59 0.70
C GLY A 519 -8.54 26.47 -0.03
N HIS A 520 -7.55 25.83 0.62
CA HIS A 520 -6.82 24.70 0.00
C HIS A 520 -7.76 23.49 -0.10
N GLU A 521 -9.07 23.76 -0.16
CA GLU A 521 -10.10 22.75 0.15
C GLU A 521 -10.21 21.63 -0.88
N GLU A 522 -9.56 21.81 -2.03
CA GLU A 522 -9.32 20.69 -2.92
C GLU A 522 -8.26 19.76 -2.30
N ASP A 523 -8.40 18.46 -2.61
CA ASP A 523 -7.47 17.45 -2.13
C ASP A 523 -6.65 16.98 -3.31
N TYR A 524 -5.36 17.27 -3.25
CA TYR A 524 -4.46 16.99 -4.35
C TYR A 524 -4.37 15.52 -4.77
N ALA A 525 -4.78 14.58 -3.91
CA ALA A 525 -4.60 13.16 -4.21
C ALA A 525 -5.76 12.53 -4.95
N LEU A 526 -6.86 13.27 -5.09
CA LEU A 526 -8.09 12.75 -5.67
C LEU A 526 -8.19 12.98 -7.18
N GLY A 527 -8.92 12.09 -7.87
CA GLY A 527 -9.25 12.25 -9.28
C GLY A 527 -8.13 11.99 -10.26
N LYS A 528 -7.08 11.32 -9.78
CA LYS A 528 -5.95 10.93 -10.63
C LYS A 528 -5.72 9.44 -10.40
N ASP A 529 -4.44 9.03 -10.41
CA ASP A 529 -4.06 7.66 -10.03
C ASP A 529 -3.02 7.59 -8.90
N CYS A 530 -3.14 8.48 -7.92
CA CYS A 530 -2.30 8.43 -6.75
C CYS A 530 -2.34 7.07 -6.08
N ILE A 531 -1.20 6.42 -5.85
CA ILE A 531 -1.22 5.10 -5.30
C ILE A 531 -1.35 5.16 -3.79
N MET A 532 -0.73 6.18 -3.18
CA MET A 532 -0.70 6.26 -1.72
C MET A 532 -0.09 7.58 -1.37
N HIS A 533 -0.39 8.08 -0.19
CA HIS A 533 0.28 9.28 0.30
C HIS A 533 0.41 9.34 1.82
N GLY A 534 1.05 10.40 2.28
CA GLY A 534 1.27 10.59 3.70
C GLY A 534 2.63 11.17 3.94
N TYR A 535 2.87 11.69 5.14
CA TYR A 535 4.15 12.32 5.44
C TYR A 535 5.26 11.30 5.46
N MET A 536 6.44 11.77 5.12
CA MET A 536 7.68 11.09 5.34
C MET A 536 8.65 12.25 5.44
N SER A 537 9.91 11.96 5.77
CA SER A 537 10.91 13.01 5.79
C SER A 537 12.07 12.61 4.89
N LYS A 538 12.74 13.58 4.29
CA LYS A 538 13.91 13.31 3.44
C LYS A 538 15.05 14.16 3.92
N MET A 539 16.23 13.95 3.35
CA MET A 539 17.37 14.86 3.52
C MET A 539 17.16 16.03 2.58
N GLY A 540 17.08 17.22 3.15
CA GLY A 540 16.96 18.43 2.37
C GLY A 540 18.29 18.83 1.75
N ASN A 541 19.17 19.29 2.62
CA ASN A 541 20.50 19.71 2.24
C ASN A 541 21.42 18.47 2.25
N PRO A 542 22.05 18.17 1.09
CA PRO A 542 23.19 17.24 1.03
C PRO A 542 24.28 17.56 2.05
N PHE A 543 24.69 18.82 2.11
CA PHE A 543 25.73 19.29 3.04
C PHE A 543 25.32 19.10 4.49
N LEU A 544 24.08 19.44 4.83
CA LEU A 544 23.74 19.64 6.23
C LEU A 544 23.18 18.40 6.89
N THR A 545 22.36 17.67 6.14
CA THR A 545 21.86 16.40 6.63
C THR A 545 20.97 16.62 7.86
N GLN A 546 19.82 17.26 7.65
CA GLN A 546 18.68 17.21 8.58
C GLN A 546 17.46 16.80 7.76
N TRP A 547 16.39 16.43 8.44
CA TRP A 547 15.20 15.85 7.82
C TRP A 547 14.07 16.84 7.70
N GLN A 548 13.54 17.05 6.51
CA GLN A 548 12.35 17.89 6.37
C GLN A 548 11.17 16.95 6.21
N ARG A 549 10.14 17.14 7.02
CA ARG A 549 8.94 16.32 6.90
C ARG A 549 8.08 16.91 5.80
N ARG A 550 7.76 16.10 4.80
CA ARG A 550 7.01 16.53 3.63
C ARG A 550 5.84 15.57 3.35
N TYR A 551 4.79 16.09 2.71
CA TYR A 551 3.70 15.27 2.31
C TYR A 551 3.98 14.65 0.92
N PHE A 552 4.19 13.33 0.85
CA PHE A 552 4.47 12.65 -0.44
C PHE A 552 3.25 12.03 -1.06
N TYR A 553 3.27 11.92 -2.36
CA TYR A 553 2.23 11.28 -3.10
C TYR A 553 2.90 10.36 -4.09
N LEU A 554 2.61 9.06 -3.99
CA LEU A 554 3.22 8.12 -4.91
C LEU A 554 2.29 8.02 -6.05
N PHE A 555 2.80 8.10 -7.28
CA PHE A 555 2.00 7.82 -8.47
C PHE A 555 2.67 6.68 -9.18
N PRO A 556 1.98 6.11 -10.19
CA PRO A 556 2.58 4.99 -10.86
C PRO A 556 3.96 5.30 -11.39
N ASN A 557 4.25 6.55 -11.79
CA ASN A 557 5.54 6.86 -12.51
C ASN A 557 6.45 7.88 -11.84
N ARG A 558 6.01 8.38 -10.69
CA ARG A 558 6.77 9.35 -9.97
C ARG A 558 6.35 9.35 -8.50
N LEU A 559 7.26 9.85 -7.65
CA LEU A 559 7.00 10.17 -6.26
C LEU A 559 7.12 11.68 -6.07
N GLU A 560 6.01 12.35 -5.78
CA GLU A 560 5.99 13.80 -5.63
C GLU A 560 5.93 14.10 -4.16
N TRP A 561 6.50 15.22 -3.75
CA TRP A 561 6.31 15.68 -2.39
C TRP A 561 6.02 17.18 -2.30
N ARG A 562 5.51 17.62 -1.16
CA ARG A 562 5.22 19.03 -0.95
C ARG A 562 5.32 19.41 0.53
N GLY A 563 5.79 20.63 0.78
CA GLY A 563 5.70 21.27 2.10
C GLY A 563 4.40 22.04 2.13
N GLU A 564 4.05 22.63 3.26
CA GLU A 564 2.73 23.23 3.43
C GLU A 564 2.36 24.31 2.39
N GLY A 565 1.05 24.43 2.14
CA GLY A 565 0.50 25.39 1.17
C GLY A 565 0.70 25.00 -0.28
N GLU A 566 1.88 25.36 -0.81
CA GLU A 566 2.31 25.01 -2.18
C GLU A 566 1.98 23.57 -2.65
N ALA A 567 1.79 23.42 -3.95
CA ALA A 567 1.68 22.10 -4.57
C ALA A 567 3.08 21.53 -4.74
N PRO A 568 3.17 20.26 -5.15
CA PRO A 568 4.50 19.69 -5.35
C PRO A 568 5.24 20.39 -6.44
N GLN A 569 6.49 20.71 -6.15
CA GLN A 569 7.36 21.39 -7.09
C GLN A 569 8.65 20.57 -7.24
N SER A 570 8.63 19.35 -6.70
CA SER A 570 9.71 18.37 -6.94
C SER A 570 9.18 16.94 -7.03
N LEU A 571 10.04 16.02 -7.49
CA LEU A 571 9.68 14.60 -7.55
C LEU A 571 10.81 13.65 -7.94
N LEU A 572 10.61 12.36 -7.68
CA LEU A 572 11.42 11.35 -8.35
C LEU A 572 10.54 10.65 -9.28
N THR A 573 11.14 10.06 -10.29
CA THR A 573 10.43 9.29 -11.28
C THR A 573 10.78 7.88 -10.94
N MET A 574 9.83 6.97 -11.14
CA MET A 574 10.06 5.59 -10.83
C MET A 574 11.17 5.05 -11.71
N GLU A 575 11.42 5.69 -12.85
CA GLU A 575 12.51 5.27 -13.77
C GLU A 575 13.89 5.49 -13.11
N GLU A 576 14.11 6.68 -12.55
CA GLU A 576 15.32 7.03 -11.76
C GLU A 576 15.68 6.04 -10.68
N ILE A 577 14.68 5.43 -10.05
CA ILE A 577 14.87 4.58 -8.86
C ILE A 577 15.40 3.20 -9.26
N GLN A 578 16.54 2.80 -8.73
CA GLN A 578 17.19 1.54 -9.12
C GLN A 578 16.96 0.46 -8.09
N SER A 579 17.02 0.84 -6.80
CA SER A 579 16.77 -0.05 -5.68
C SER A 579 16.08 0.70 -4.55
N VAL A 580 15.38 -0.05 -3.69
CA VAL A 580 14.86 0.49 -2.44
C VAL A 580 15.32 -0.44 -1.32
N GLU A 581 15.93 0.09 -0.25
CA GLU A 581 16.56 -0.70 0.82
C GLU A 581 16.44 0.00 2.17
N GLU A 582 16.49 -0.79 3.23
CA GLU A 582 16.62 -0.24 4.58
C GLU A 582 18.02 0.19 4.89
N THR A 583 18.15 1.24 5.67
CA THR A 583 19.45 1.64 6.12
C THR A 583 19.23 2.19 7.50
N GLN A 584 20.27 2.09 8.32
CA GLN A 584 20.29 2.79 9.60
C GLN A 584 20.82 4.21 9.37
N ILE A 585 20.16 5.17 10.02
CA ILE A 585 20.73 6.48 10.16
C ILE A 585 20.40 6.94 11.55
N LYS A 586 21.47 7.22 12.31
CA LYS A 586 21.40 7.59 13.72
C LYS A 586 20.42 6.63 14.40
N GLU A 587 20.79 5.35 14.33
CA GLU A 587 19.98 4.23 14.87
C GLU A 587 18.47 4.40 14.66
N ARG A 588 18.11 4.84 13.44
CA ARG A 588 16.73 4.92 12.99
C ARG A 588 16.68 4.21 11.65
N LYS A 589 15.64 3.36 11.48
CA LYS A 589 15.42 2.60 10.24
C LYS A 589 14.78 3.51 9.17
N CYS A 590 15.40 3.51 8.00
CA CYS A 590 15.08 4.44 6.92
C CYS A 590 15.11 3.76 5.58
N LEU A 591 14.51 4.40 4.60
CA LEU A 591 14.60 3.91 3.25
C LEU A 591 15.72 4.58 2.46
N LEU A 592 16.49 3.76 1.76
CA LEU A 592 17.55 4.21 0.90
C LEU A 592 17.26 3.85 -0.56
N LEU A 593 16.75 4.85 -1.28
CA LEU A 593 16.56 4.76 -2.73
C LEU A 593 17.86 5.11 -3.44
N LYS A 594 18.35 4.23 -4.31
CA LYS A 594 19.46 4.58 -5.19
C LYS A 594 18.90 5.06 -6.52
N ILE A 595 19.44 6.18 -6.98
CA ILE A 595 19.03 6.86 -8.21
C ILE A 595 20.04 6.64 -9.34
N ARG A 596 19.59 6.82 -10.59
CA ARG A 596 20.32 6.39 -11.77
C ARG A 596 21.70 7.03 -11.92
N GLY A 597 21.80 8.35 -11.86
CA GLY A 597 23.13 8.99 -11.99
C GLY A 597 24.29 8.48 -11.10
N GLY A 598 23.98 7.62 -10.12
CA GLY A 598 24.88 7.30 -9.01
C GLY A 598 24.38 7.95 -7.72
N LYS A 599 23.35 8.78 -7.87
CA LYS A 599 22.81 9.60 -6.79
C LYS A 599 21.98 8.73 -5.81
N GLN A 600 21.70 9.28 -4.63
CA GLN A 600 20.92 8.60 -3.57
C GLN A 600 19.88 9.47 -3.01
N PHE A 601 18.96 8.82 -2.33
CA PHE A 601 17.81 9.49 -1.78
C PHE A 601 17.34 8.71 -0.57
N VAL A 602 17.08 9.44 0.51
CA VAL A 602 16.85 8.82 1.78
C VAL A 602 15.59 9.35 2.39
N LEU A 603 14.82 8.41 2.95
CA LEU A 603 13.48 8.67 3.47
C LEU A 603 13.26 8.07 4.87
N GLN A 604 12.78 8.88 5.81
CA GLN A 604 12.41 8.39 7.13
C GLN A 604 10.90 8.46 7.22
N CYS A 605 10.34 7.37 7.76
CA CYS A 605 8.91 7.26 8.02
C CYS A 605 8.58 7.40 9.49
N ASP A 606 7.36 7.86 9.77
CA ASP A 606 6.94 8.13 11.11
C ASP A 606 6.60 6.89 11.93
N SER A 607 6.47 5.72 11.30
CA SER A 607 6.11 4.53 12.08
C SER A 607 6.43 3.30 11.32
N ASP A 608 6.67 2.21 12.05
CA ASP A 608 7.06 0.95 11.43
C ASP A 608 6.17 0.54 10.25
N PRO A 609 4.83 0.66 10.38
CA PRO A 609 4.02 0.21 9.25
C PRO A 609 4.20 1.11 8.03
N GLU A 610 4.34 2.41 8.27
CA GLU A 610 4.64 3.36 7.19
C GLU A 610 5.96 3.00 6.50
N LEU A 611 6.93 2.51 7.24
CA LEU A 611 8.17 2.07 6.61
C LEU A 611 7.97 0.80 5.81
N VAL A 612 7.19 -0.14 6.35
CA VAL A 612 6.98 -1.39 5.67
C VAL A 612 6.24 -1.16 4.34
N GLN A 613 5.35 -0.17 4.35
CA GLN A 613 4.47 0.06 3.22
C GLN A 613 5.14 0.87 2.16
N TRP A 614 5.80 1.94 2.55
CA TRP A 614 6.45 2.75 1.57
C TRP A 614 7.50 1.89 0.89
N LYS A 615 8.18 1.03 1.65
CA LYS A 615 9.21 0.19 1.07
C LYS A 615 8.54 -0.74 0.07
N LYS A 616 7.45 -1.37 0.46
CA LYS A 616 6.81 -2.31 -0.41
C LYS A 616 6.29 -1.61 -1.66
N GLU A 617 5.64 -0.46 -1.45
CA GLU A 617 4.93 0.18 -2.54
C GLU A 617 5.91 0.89 -3.46
N LEU A 618 6.91 1.58 -2.91
CA LEU A 618 7.94 2.16 -3.76
C LEU A 618 8.56 1.09 -4.59
N ARG A 619 8.95 -0.01 -3.94
CA ARG A 619 9.55 -1.15 -4.62
C ARG A 619 8.67 -1.61 -5.75
N ASP A 620 7.41 -1.92 -5.43
CA ASP A 620 6.43 -2.38 -6.41
C ASP A 620 6.31 -1.42 -7.56
N ALA A 621 6.21 -0.13 -7.28
CA ALA A 621 5.97 0.89 -8.33
C ALA A 621 7.16 1.14 -9.29
N TYR A 622 8.38 1.12 -8.75
CA TYR A 622 9.54 1.29 -9.57
C TYR A 622 9.64 0.08 -10.47
N ARG A 623 9.46 -1.12 -9.93
CA ARG A 623 9.48 -2.31 -10.81
C ARG A 623 8.49 -2.24 -11.98
N GLU A 624 7.24 -1.99 -11.63
CA GLU A 624 6.17 -1.76 -12.56
C GLU A 624 6.57 -0.78 -13.61
N ALA A 625 7.07 0.36 -13.15
CA ALA A 625 7.24 1.48 -14.06
C ALA A 625 8.28 1.18 -15.12
N GLN A 626 9.38 0.61 -14.70
CA GLN A 626 10.45 0.23 -15.59
C GLN A 626 10.04 -0.93 -16.50
N GLN A 627 9.24 -1.86 -15.99
CA GLN A 627 8.70 -2.92 -16.83
C GLN A 627 7.94 -2.31 -17.99
N LEU A 628 7.11 -1.34 -17.63
CA LEU A 628 6.15 -0.70 -18.51
C LEU A 628 6.83 0.19 -19.50
N VAL A 629 7.72 1.06 -19.01
CA VAL A 629 8.44 1.99 -19.86
C VAL A 629 9.20 1.27 -20.97
N GLN A 630 9.66 0.06 -20.67
CA GLN A 630 10.51 -0.72 -21.57
C GLN A 630 9.78 -1.15 -22.82
N ARG A 631 8.44 -1.18 -22.76
CA ARG A 631 7.60 -1.56 -23.90
C ARG A 631 7.07 -0.32 -24.63
N VAL A 632 7.59 0.85 -24.31
CA VAL A 632 7.10 2.10 -24.88
C VAL A 632 8.21 2.84 -25.56
N PRO A 633 8.36 2.61 -26.85
CA PRO A 633 9.40 3.28 -27.62
C PRO A 633 9.58 4.79 -27.35
N LYS A 634 8.51 5.56 -27.12
CA LYS A 634 8.69 7.02 -26.87
C LYS A 634 9.17 7.31 -25.42
N MET A 635 9.01 6.34 -24.55
CA MET A 635 9.32 6.57 -23.17
C MET A 635 10.63 5.98 -22.80
N LYS A 636 10.99 4.87 -23.44
CA LYS A 636 12.18 4.15 -23.07
C LYS A 636 13.49 4.91 -23.33
N ASN A 637 14.54 4.46 -22.66
CA ASN A 637 15.89 4.88 -23.01
C ASN A 637 16.38 4.16 -24.23
N LYS A 638 17.07 4.91 -25.11
CA LYS A 638 17.73 4.37 -26.32
C LYS A 638 19.23 4.53 -26.15
N PRO A 639 20.04 3.76 -26.92
CA PRO A 639 21.50 3.83 -26.75
C PRO A 639 22.12 5.17 -27.20
N ARG A 640 23.28 5.51 -26.62
CA ARG A 640 23.87 6.85 -26.76
C ARG A 640 25.36 6.88 -27.15
N SER A 641 26.17 5.96 -26.63
CA SER A 641 27.64 6.04 -26.72
C SER A 641 28.18 7.33 -26.10
N SER B 1 -1.20 -23.44 -53.77
CA SER B 1 -2.03 -22.98 -52.60
C SER B 1 -2.41 -21.50 -52.70
N GLU B 2 -3.63 -21.14 -52.29
CA GLU B 2 -4.13 -19.76 -52.43
C GLU B 2 -3.35 -18.79 -51.55
N LEU B 3 -3.02 -19.25 -50.34
CA LEU B 3 -2.18 -18.47 -49.47
C LEU B 3 -0.80 -18.28 -50.07
N ASP B 4 -0.21 -19.36 -50.55
CA ASP B 4 1.11 -19.26 -51.16
C ASP B 4 1.08 -18.32 -52.35
N GLN B 5 0.01 -18.35 -53.14
CA GLN B 5 -0.14 -17.44 -54.30
C GLN B 5 -0.27 -16.00 -53.91
N LEU B 6 -1.07 -15.76 -52.88
CA LEU B 6 -1.30 -14.42 -52.41
C LEU B 6 -0.04 -13.80 -51.85
N ARG B 7 0.85 -14.68 -51.40
CA ARG B 7 2.14 -14.24 -50.91
C ARG B 7 3.01 -13.83 -52.09
N GLN B 8 3.11 -14.69 -53.11
CA GLN B 8 3.80 -14.34 -54.32
C GLN B 8 3.23 -13.07 -54.90
N GLU B 9 1.91 -13.02 -55.03
CA GLU B 9 1.29 -11.90 -55.70
C GLU B 9 1.57 -10.60 -54.96
N ALA B 10 1.62 -10.63 -53.64
CA ALA B 10 1.97 -9.42 -52.88
C ALA B 10 3.41 -9.04 -53.20
N GLU B 11 4.25 -10.07 -53.25
CA GLU B 11 5.64 -9.92 -53.63
C GLU B 11 5.82 -9.32 -55.03
N GLN B 12 5.13 -9.85 -56.05
CA GLN B 12 5.15 -9.23 -57.39
C GLN B 12 4.76 -7.77 -57.27
N LEU B 13 3.68 -7.51 -56.56
CA LEU B 13 3.12 -6.18 -56.48
C LEU B 13 4.03 -5.23 -55.70
N LYS B 14 4.80 -5.77 -54.76
CA LYS B 14 5.82 -4.98 -54.09
C LYS B 14 6.87 -4.56 -55.12
N ASN B 15 7.31 -5.54 -55.92
CA ASN B 15 8.27 -5.29 -56.99
C ASN B 15 7.75 -4.35 -58.07
N GLN B 16 6.47 -4.46 -58.37
CA GLN B 16 5.88 -3.68 -59.43
C GLN B 16 5.84 -2.21 -59.01
N ILE B 17 5.57 -2.03 -57.72
CA ILE B 17 5.61 -0.73 -57.08
C ILE B 17 7.05 -0.18 -57.04
N ARG B 18 8.02 -1.05 -56.79
CA ARG B 18 9.40 -0.63 -56.75
C ARG B 18 9.82 -0.14 -58.17
N ASP B 19 9.41 -0.86 -59.20
CA ASP B 19 9.79 -0.48 -60.56
C ASP B 19 9.02 0.74 -61.06
N ALA B 20 7.76 0.82 -60.64
CA ALA B 20 6.94 1.96 -60.98
C ALA B 20 7.61 3.21 -60.48
N ARG B 21 8.19 3.07 -59.29
CA ARG B 21 8.84 4.18 -58.63
C ARG B 21 10.14 4.54 -59.32
N LYS B 22 10.97 3.55 -59.60
CA LYS B 22 12.22 3.79 -60.28
C LYS B 22 11.96 4.43 -61.64
N ALA B 23 10.84 4.09 -62.28
CA ALA B 23 10.45 4.75 -63.53
C ALA B 23 10.18 6.26 -63.36
N CYS B 24 10.03 6.73 -62.15
CA CYS B 24 9.94 8.16 -61.93
C CYS B 24 11.25 8.77 -61.48
N ALA B 25 12.30 7.96 -61.33
CA ALA B 25 13.51 8.47 -60.71
C ALA B 25 14.39 8.96 -61.83
N ASP B 26 13.90 9.98 -62.48
CA ASP B 26 14.58 10.54 -63.61
C ASP B 26 15.63 11.52 -63.13
N ALA B 27 15.29 12.26 -62.09
CA ALA B 27 16.22 13.13 -61.43
C ALA B 27 16.08 13.00 -59.91
N THR B 28 16.98 13.67 -59.20
CA THR B 28 16.87 13.69 -57.76
C THR B 28 16.56 15.09 -57.38
N LEU B 29 16.04 15.22 -56.17
CA LEU B 29 15.76 16.53 -55.61
C LEU B 29 17.05 17.28 -55.45
N SER B 30 18.07 16.57 -55.00
CA SER B 30 19.40 17.13 -54.89
C SER B 30 19.80 17.79 -56.21
N GLN B 31 19.78 17.01 -57.30
CA GLN B 31 20.08 17.55 -58.63
C GLN B 31 19.24 18.78 -58.92
N ILE B 32 17.94 18.61 -58.83
CA ILE B 32 17.02 19.69 -59.14
C ILE B 32 17.35 20.96 -58.35
N THR B 33 17.84 20.81 -57.13
CA THR B 33 18.06 21.99 -56.31
C THR B 33 19.50 22.34 -56.21
N ASN B 34 20.32 21.83 -57.10
CA ASN B 34 21.71 22.26 -57.11
C ASN B 34 21.92 23.75 -57.38
N ASN B 35 20.98 24.38 -58.08
CA ASN B 35 21.10 25.78 -58.43
C ASN B 35 20.94 26.72 -57.29
N ILE B 36 19.82 26.55 -56.61
CA ILE B 36 19.29 27.58 -55.73
C ILE B 36 20.29 27.87 -54.63
N ASP B 37 20.27 29.12 -54.18
CA ASP B 37 21.25 29.55 -53.21
C ASP B 37 21.03 28.69 -51.98
N PRO B 38 22.12 28.37 -51.26
CA PRO B 38 21.98 27.92 -49.87
C PRO B 38 21.07 28.82 -49.05
N VAL B 39 20.88 28.47 -47.80
CA VAL B 39 19.95 29.17 -46.95
C VAL B 39 20.72 30.01 -45.93
N GLY B 40 21.98 29.67 -45.77
CA GLY B 40 22.89 30.48 -45.02
C GLY B 40 22.81 30.19 -43.55
N ARG B 41 23.04 31.23 -42.79
CA ARG B 41 23.08 31.14 -41.36
C ARG B 41 21.63 31.04 -40.91
N ILE B 42 21.28 29.90 -40.33
CA ILE B 42 20.07 29.82 -39.50
C ILE B 42 20.54 29.70 -38.07
N GLN B 43 20.61 30.87 -37.43
CA GLN B 43 20.98 30.99 -36.06
C GLN B 43 19.70 31.45 -35.38
N MET B 44 19.06 30.54 -34.64
CA MET B 44 17.89 30.88 -33.84
C MET B 44 18.28 30.87 -32.37
N ARG B 45 17.53 31.63 -31.56
CA ARG B 45 17.84 31.79 -30.14
C ARG B 45 16.64 31.57 -29.23
N THR B 46 16.88 30.94 -28.08
CA THR B 46 15.85 30.78 -27.07
C THR B 46 15.22 32.13 -26.72
N ARG B 47 13.95 32.34 -27.02
CA ARG B 47 13.33 33.60 -26.62
C ARG B 47 12.74 33.38 -25.24
N ARG B 48 11.79 32.45 -25.17
CA ARG B 48 11.23 31.99 -23.92
C ARG B 48 11.75 30.62 -23.51
N THR B 49 11.82 30.42 -22.20
CA THR B 49 11.94 29.09 -21.64
C THR B 49 10.66 28.84 -20.83
N LEU B 50 10.11 27.63 -20.92
CA LEU B 50 8.85 27.38 -20.29
C LEU B 50 9.03 26.43 -19.15
N ARG B 51 8.98 27.00 -17.95
CA ARG B 51 9.37 26.32 -16.74
C ARG B 51 8.10 26.00 -15.96
N GLY B 52 7.96 24.77 -15.51
CA GLY B 52 6.71 24.37 -14.85
C GLY B 52 6.52 22.88 -14.71
N HIS B 53 6.88 22.14 -15.76
CA HIS B 53 6.74 20.70 -15.74
C HIS B 53 7.75 20.16 -14.81
N LEU B 54 7.33 19.16 -14.05
CA LEU B 54 8.16 18.62 -13.02
C LEU B 54 8.94 17.44 -13.54
N ALA B 55 8.58 16.94 -14.70
CA ALA B 55 9.27 15.77 -15.21
C ALA B 55 9.45 15.91 -16.68
N LYS B 56 9.75 14.81 -17.35
CA LYS B 56 10.05 14.85 -18.77
C LYS B 56 8.87 15.45 -19.49
N ILE B 57 9.16 16.06 -20.64
CA ILE B 57 8.11 16.47 -21.54
C ILE B 57 8.06 15.52 -22.71
N TYR B 58 6.87 15.04 -23.01
CA TYR B 58 6.71 14.09 -24.09
C TYR B 58 6.27 14.68 -25.43
N ALA B 59 5.46 15.74 -25.40
CA ALA B 59 4.89 16.28 -26.61
C ALA B 59 4.37 17.70 -26.44
N MET B 60 4.18 18.35 -27.59
CA MET B 60 3.53 19.66 -27.61
C MET B 60 2.87 20.04 -28.94
N HIS B 61 1.99 21.03 -28.85
CA HIS B 61 1.29 21.50 -30.03
C HIS B 61 0.94 22.93 -29.85
N TRP B 62 1.19 23.70 -30.90
CA TRP B 62 0.78 25.09 -30.94
C TRP B 62 -0.68 25.23 -31.27
N GLY B 63 -1.35 26.11 -30.52
CA GLY B 63 -2.59 26.72 -30.99
C GLY B 63 -2.42 27.35 -32.36
N THR B 64 -3.54 27.49 -33.05
CA THR B 64 -3.50 28.05 -34.40
C THR B 64 -3.24 29.56 -34.36
N ASP B 65 -3.58 30.16 -33.22
CA ASP B 65 -3.24 31.54 -32.94
C ASP B 65 -1.73 31.75 -32.78
N SER B 66 -0.92 30.73 -33.01
CA SER B 66 0.52 30.92 -33.02
C SER B 66 1.02 31.52 -31.71
N ARG B 67 0.21 31.47 -30.66
CA ARG B 67 0.56 32.03 -29.35
C ARG B 67 0.49 31.00 -28.19
N LEU B 68 -0.64 30.27 -28.12
CA LEU B 68 -0.83 29.30 -27.04
C LEU B 68 -0.31 27.96 -27.49
N LEU B 69 -0.04 27.10 -26.53
CA LEU B 69 0.32 25.75 -26.82
C LEU B 69 0.11 24.88 -25.61
N VAL B 70 -0.18 23.62 -25.88
CA VAL B 70 -0.33 22.64 -24.82
C VAL B 70 0.93 21.82 -24.85
N SER B 71 1.39 21.38 -23.68
CA SER B 71 2.45 20.40 -23.66
C SER B 71 2.07 19.33 -22.68
N ALA B 72 2.50 18.10 -22.94
CA ALA B 72 2.19 16.97 -22.06
C ALA B 72 3.48 16.44 -21.48
N SER B 73 3.40 16.09 -20.18
CA SER B 73 4.57 15.78 -19.38
C SER B 73 4.42 14.55 -18.54
N GLN B 74 5.55 13.88 -18.32
CA GLN B 74 5.68 12.86 -17.30
C GLN B 74 5.17 13.25 -15.89
N ASP B 75 5.08 14.54 -15.58
CA ASP B 75 4.51 14.99 -14.31
C ASP B 75 3.00 14.74 -14.23
N GLY B 76 2.43 14.29 -15.36
CA GLY B 76 1.05 13.85 -15.41
C GLY B 76 0.08 14.97 -15.65
N LYS B 77 0.59 16.07 -16.20
CA LYS B 77 -0.24 17.25 -16.48
C LYS B 77 -0.15 17.71 -17.91
N LEU B 78 -1.15 18.47 -18.33
CA LEU B 78 -1.00 19.33 -19.50
C LEU B 78 -0.86 20.74 -19.02
N ILE B 79 0.09 21.47 -19.60
CA ILE B 79 0.10 22.90 -19.45
C ILE B 79 -0.17 23.56 -20.78
N ILE B 80 -1.23 24.34 -20.79
CA ILE B 80 -1.50 25.28 -21.85
C ILE B 80 -0.82 26.60 -21.50
N TRP B 81 0.22 26.93 -22.25
CA TRP B 81 1.04 28.12 -22.00
C TRP B 81 0.65 29.21 -22.98
N ASP B 82 0.70 30.46 -22.53
CA ASP B 82 0.69 31.60 -23.41
C ASP B 82 2.16 31.86 -23.60
N SER B 83 2.67 31.60 -24.79
CA SER B 83 4.11 31.68 -25.06
C SER B 83 4.65 33.10 -25.11
N TYR B 84 3.79 34.05 -25.43
CA TYR B 84 4.17 35.46 -25.44
C TYR B 84 4.62 35.83 -24.03
N THR B 85 3.76 35.56 -23.06
CA THR B 85 3.98 35.87 -21.64
C THR B 85 4.74 34.79 -20.78
N THR B 86 4.72 33.54 -21.20
CA THR B 86 5.13 32.37 -20.37
C THR B 86 4.15 32.06 -19.22
N ASN B 87 2.93 32.59 -19.29
CA ASN B 87 1.95 32.33 -18.26
C ASN B 87 1.19 31.08 -18.51
N LYS B 88 1.09 30.24 -17.49
CA LYS B 88 0.25 29.07 -17.58
C LYS B 88 -1.19 29.51 -17.62
N VAL B 89 -1.83 29.37 -18.78
CA VAL B 89 -3.26 29.69 -18.87
C VAL B 89 -4.00 28.67 -17.98
N HIS B 90 -3.70 27.41 -18.24
CA HIS B 90 -4.26 26.27 -17.55
C HIS B 90 -3.15 25.29 -17.23
N ALA B 91 -3.30 24.60 -16.11
CA ALA B 91 -2.53 23.43 -15.80
C ALA B 91 -3.60 22.38 -15.51
N ILE B 92 -3.46 21.23 -16.14
CA ILE B 92 -4.54 20.27 -16.13
C ILE B 92 -4.05 18.99 -15.51
N PRO B 93 -4.57 18.65 -14.32
CA PRO B 93 -4.09 17.43 -13.74
C PRO B 93 -4.78 16.26 -14.41
N LEU B 94 -3.99 15.43 -15.07
CA LEU B 94 -4.56 14.35 -15.84
C LEU B 94 -5.03 13.24 -14.92
N ARG B 95 -5.96 12.42 -15.38
CA ARG B 95 -6.36 11.27 -14.60
C ARG B 95 -5.37 10.09 -14.66
N SER B 96 -4.49 10.07 -15.66
CA SER B 96 -3.47 9.01 -15.74
C SER B 96 -2.21 9.77 -15.86
N SER B 97 -1.20 9.33 -15.13
CA SER B 97 0.11 9.90 -15.20
C SER B 97 0.84 9.57 -16.52
N TRP B 98 0.38 8.59 -17.28
CA TRP B 98 1.17 8.08 -18.36
C TRP B 98 0.95 8.77 -19.74
N VAL B 99 0.61 10.04 -19.68
CA VAL B 99 0.35 10.80 -20.87
C VAL B 99 1.64 10.79 -21.70
N MET B 100 1.47 10.67 -23.02
CA MET B 100 2.56 10.74 -24.05
C MET B 100 2.33 11.83 -25.06
N THR B 101 1.07 12.14 -25.34
CA THR B 101 0.78 13.02 -26.43
C THR B 101 -0.22 14.08 -26.03
N CYS B 102 -0.39 15.04 -26.93
CA CYS B 102 -1.36 16.11 -26.73
C CYS B 102 -1.47 16.97 -27.95
N ALA B 103 -2.62 17.62 -28.06
CA ALA B 103 -2.99 18.37 -29.25
C ALA B 103 -3.87 19.51 -28.87
N TYR B 104 -3.64 20.64 -29.53
CA TYR B 104 -4.48 21.82 -29.44
C TYR B 104 -5.43 21.80 -30.60
N ALA B 105 -6.71 22.03 -30.36
CA ALA B 105 -7.67 22.02 -31.46
C ALA B 105 -7.50 23.29 -32.23
N PRO B 106 -7.84 23.28 -33.53
CA PRO B 106 -7.80 24.48 -34.34
C PRO B 106 -8.49 25.69 -33.70
N SER B 107 -9.77 25.57 -33.36
CA SER B 107 -10.49 26.65 -32.65
C SER B 107 -9.76 27.18 -31.40
N GLY B 108 -9.06 26.28 -30.72
CA GLY B 108 -8.46 26.61 -29.46
C GLY B 108 -9.44 26.39 -28.31
N ASN B 109 -10.56 25.70 -28.56
CA ASN B 109 -11.56 25.44 -27.53
C ASN B 109 -11.28 24.22 -26.68
N TYR B 110 -10.56 23.26 -27.26
CA TYR B 110 -10.27 22.02 -26.59
C TYR B 110 -8.81 21.66 -26.76
N VAL B 111 -8.33 20.76 -25.91
CA VAL B 111 -7.10 20.05 -26.14
C VAL B 111 -7.38 18.60 -25.90
N ALA B 112 -6.42 17.81 -26.32
CA ALA B 112 -6.53 16.39 -26.17
C ALA B 112 -5.18 15.89 -25.72
N CYS B 113 -5.20 14.69 -25.17
CA CYS B 113 -3.97 14.07 -24.69
C CYS B 113 -4.35 12.71 -24.33
N GLY B 114 -3.35 11.91 -24.02
CA GLY B 114 -3.56 10.51 -23.67
C GLY B 114 -2.22 9.81 -23.61
N GLY B 115 -2.23 8.55 -23.26
CA GLY B 115 -1.00 7.79 -23.27
C GLY B 115 -1.25 6.36 -22.86
N LEU B 116 -0.56 5.94 -21.81
CA LEU B 116 -0.58 4.54 -21.53
C LEU B 116 -1.95 4.05 -21.06
N ASP B 117 -2.84 4.97 -20.72
CA ASP B 117 -4.24 4.65 -20.50
C ASP B 117 -5.05 4.31 -21.78
N ASN B 118 -4.41 4.38 -22.95
CA ASN B 118 -5.08 3.98 -24.17
C ASN B 118 -6.39 4.75 -24.43
N ILE B 119 -6.39 6.02 -24.06
CA ILE B 119 -7.57 6.84 -24.12
C ILE B 119 -7.18 8.21 -24.64
N CYS B 120 -8.04 8.78 -25.48
CA CYS B 120 -7.84 10.16 -25.94
C CYS B 120 -8.80 11.00 -25.19
N SER B 121 -8.32 11.60 -24.10
CA SER B 121 -9.12 12.46 -23.28
C SER B 121 -9.21 13.84 -23.94
N ILE B 122 -10.44 14.30 -24.11
CA ILE B 122 -10.68 15.61 -24.66
C ILE B 122 -10.97 16.53 -23.52
N TYR B 123 -10.11 17.52 -23.33
CA TYR B 123 -10.38 18.54 -22.33
C TYR B 123 -10.98 19.75 -23.02
N ASN B 124 -12.01 20.33 -22.41
CA ASN B 124 -12.63 21.58 -22.87
C ASN B 124 -12.19 22.75 -22.02
N LEU B 125 -11.88 23.85 -22.69
CA LEU B 125 -11.24 24.99 -22.06
C LEU B 125 -12.23 26.05 -21.51
N LYS B 126 -13.18 26.46 -22.33
CA LYS B 126 -14.17 27.46 -21.92
C LYS B 126 -15.51 26.78 -21.76
N THR B 127 -15.98 26.71 -20.52
CA THR B 127 -17.39 26.48 -20.25
C THR B 127 -17.99 27.88 -19.99
N ARG B 128 -19.31 27.96 -19.78
CA ARG B 128 -19.92 29.20 -19.22
C ARG B 128 -19.52 29.31 -17.74
N GLU B 129 -19.30 28.16 -17.11
CA GLU B 129 -18.81 28.06 -15.72
C GLU B 129 -17.37 28.59 -15.58
N GLY B 130 -16.60 28.52 -16.67
CA GLY B 130 -15.21 29.00 -16.71
C GLY B 130 -14.28 27.95 -16.16
N ASN B 131 -14.50 26.69 -16.54
CA ASN B 131 -13.75 25.57 -15.98
C ASN B 131 -13.14 24.67 -17.02
N VAL B 132 -12.09 23.96 -16.62
CA VAL B 132 -11.36 23.02 -17.48
C VAL B 132 -11.72 21.61 -17.05
N ARG B 133 -12.67 21.01 -17.74
CA ARG B 133 -13.12 19.68 -17.39
C ARG B 133 -12.93 18.73 -18.56
N VAL B 134 -12.74 17.47 -18.21
CA VAL B 134 -12.74 16.37 -19.16
C VAL B 134 -14.11 16.28 -19.81
N SER B 135 -14.20 16.67 -21.08
CA SER B 135 -15.44 16.60 -21.82
C SER B 135 -15.66 15.20 -22.44
N ARG B 136 -14.63 14.53 -22.93
CA ARG B 136 -14.81 13.15 -23.44
C ARG B 136 -13.58 12.28 -23.14
N GLU B 137 -13.83 10.99 -22.93
CA GLU B 137 -12.79 9.97 -22.73
C GLU B 137 -12.98 8.94 -23.85
N LEU B 138 -12.33 9.22 -24.98
CA LEU B 138 -12.43 8.43 -26.20
C LEU B 138 -11.70 7.12 -26.08
N ALA B 139 -12.46 6.05 -25.95
CA ALA B 139 -11.86 4.79 -25.61
C ALA B 139 -12.17 3.85 -26.71
N GLY B 140 -11.22 2.97 -26.98
CA GLY B 140 -11.37 1.95 -27.99
C GLY B 140 -10.03 1.38 -28.39
N HIS B 141 -9.00 2.20 -28.32
CA HIS B 141 -7.69 1.69 -28.61
C HIS B 141 -7.37 0.64 -27.60
N THR B 142 -6.64 -0.37 -28.04
CA THR B 142 -6.12 -1.40 -27.17
C THR B 142 -4.62 -1.23 -26.98
N GLY B 143 -4.14 0.00 -27.01
CA GLY B 143 -2.72 0.25 -26.84
C GLY B 143 -2.59 1.69 -26.54
N TYR B 144 -1.41 2.12 -26.17
CA TYR B 144 -1.22 3.52 -25.83
C TYR B 144 -1.60 4.46 -26.98
N LEU B 145 -2.11 5.62 -26.60
CA LEU B 145 -2.30 6.70 -27.52
C LEU B 145 -0.95 7.32 -27.72
N SER B 146 -0.56 7.46 -29.00
CA SER B 146 0.74 7.99 -29.38
C SER B 146 0.67 9.42 -29.97
N CYS B 147 -0.43 9.76 -30.60
CA CYS B 147 -0.57 11.05 -31.18
C CYS B 147 -2.02 11.26 -31.41
N CYS B 148 -2.44 12.50 -31.45
CA CYS B 148 -3.78 12.82 -31.82
C CYS B 148 -3.85 14.25 -32.31
N ARG B 149 -4.64 14.47 -33.34
CA ARG B 149 -4.82 15.80 -33.92
C ARG B 149 -6.28 16.00 -34.28
N PHE B 150 -6.85 17.08 -33.78
CA PHE B 150 -8.22 17.45 -34.02
C PHE B 150 -8.34 17.83 -35.47
N LEU B 151 -9.38 17.35 -36.14
CA LEU B 151 -9.75 17.90 -37.43
C LEU B 151 -10.50 19.23 -37.29
N ASP B 152 -11.40 19.30 -36.32
CA ASP B 152 -12.11 20.53 -36.00
C ASP B 152 -12.48 20.32 -34.55
N ASP B 153 -13.54 20.93 -34.04
CA ASP B 153 -13.90 20.73 -32.61
C ASP B 153 -14.81 19.54 -32.34
N ASN B 154 -14.80 18.53 -33.21
CA ASN B 154 -15.77 17.45 -33.11
C ASN B 154 -15.31 16.18 -33.79
N GLN B 155 -14.43 16.28 -34.78
CA GLN B 155 -13.67 15.12 -35.20
C GLN B 155 -12.21 15.24 -34.75
N ILE B 156 -11.64 14.10 -34.38
CA ILE B 156 -10.23 14.00 -34.04
C ILE B 156 -9.64 12.65 -34.44
N VAL B 157 -8.41 12.70 -34.92
CA VAL B 157 -7.68 11.55 -35.35
C VAL B 157 -6.67 11.19 -34.26
N THR B 158 -6.53 9.89 -34.05
CA THR B 158 -5.55 9.36 -33.13
C THR B 158 -4.68 8.28 -33.76
N SER B 159 -3.63 7.97 -33.03
CA SER B 159 -2.65 6.98 -33.43
C SER B 159 -2.33 6.25 -32.17
N SER B 160 -1.83 5.04 -32.28
CA SER B 160 -1.71 4.21 -31.08
C SER B 160 -0.72 3.04 -31.23
N GLY B 161 -0.21 2.58 -30.10
CA GLY B 161 0.67 1.43 -30.08
C GLY B 161 -0.02 0.16 -30.50
N ASP B 162 -1.35 0.19 -30.58
CA ASP B 162 -2.10 -0.97 -31.11
C ASP B 162 -1.97 -1.09 -32.63
N THR B 163 -1.08 -0.25 -33.20
CA THR B 163 -0.68 -0.28 -34.58
C THR B 163 -1.73 0.43 -35.46
N THR B 164 -2.83 0.86 -34.87
CA THR B 164 -3.90 1.44 -35.64
C THR B 164 -3.93 2.94 -35.42
N CYS B 165 -4.70 3.60 -36.26
CA CYS B 165 -5.03 4.96 -36.06
C CYS B 165 -6.50 4.95 -36.07
N ALA B 166 -7.11 6.10 -35.81
CA ALA B 166 -8.56 6.17 -35.78
C ALA B 166 -9.04 7.57 -35.87
N LEU B 167 -10.31 7.68 -36.26
CA LEU B 167 -11.04 8.94 -36.36
C LEU B 167 -12.23 8.87 -35.43
N TRP B 168 -12.44 9.92 -34.64
CA TRP B 168 -13.52 9.89 -33.68
C TRP B 168 -14.52 11.00 -33.88
N ASP B 169 -15.75 10.71 -33.48
CA ASP B 169 -16.76 11.73 -33.28
C ASP B 169 -16.79 12.11 -31.82
N ILE B 170 -16.32 13.31 -31.49
CA ILE B 170 -16.26 13.68 -30.10
C ILE B 170 -17.64 13.66 -29.45
N GLU B 171 -18.55 14.51 -29.89
CA GLU B 171 -19.93 14.53 -29.38
C GLU B 171 -20.40 13.14 -28.93
N THR B 172 -20.28 12.13 -29.78
CA THR B 172 -20.77 10.80 -29.45
C THR B 172 -19.78 9.92 -28.70
N GLY B 173 -18.49 10.19 -28.86
CA GLY B 173 -17.47 9.31 -28.31
C GLY B 173 -17.12 8.08 -29.15
N GLN B 174 -17.74 7.97 -30.33
CA GLN B 174 -17.52 6.85 -31.24
C GLN B 174 -16.24 6.94 -32.03
N GLN B 175 -15.72 5.74 -32.30
CA GLN B 175 -14.58 5.51 -33.15
C GLN B 175 -15.14 5.32 -34.54
N THR B 176 -15.45 6.42 -35.19
CA THR B 176 -16.14 6.36 -36.49
C THR B 176 -15.33 5.75 -37.63
N THR B 177 -14.02 5.82 -37.58
CA THR B 177 -13.19 5.18 -38.60
C THR B 177 -11.93 4.54 -38.02
N THR B 178 -11.54 3.43 -38.62
CA THR B 178 -10.34 2.74 -38.20
C THR B 178 -9.39 2.51 -39.36
N PHE B 179 -8.17 2.98 -39.12
CA PHE B 179 -7.10 2.91 -40.06
C PHE B 179 -6.10 1.86 -39.68
N THR B 180 -6.11 0.77 -40.43
CA THR B 180 -5.23 -0.36 -40.19
C THR B 180 -4.34 -0.59 -41.39
N GLY B 181 -3.23 -1.26 -41.16
CA GLY B 181 -2.20 -1.41 -42.18
C GLY B 181 -0.81 -1.54 -41.60
N HIS B 182 -0.53 -0.72 -40.57
CA HIS B 182 0.75 -0.80 -39.90
C HIS B 182 0.89 -2.06 -39.08
N THR B 183 2.12 -2.51 -39.00
CA THR B 183 2.47 -3.75 -38.37
C THR B 183 3.23 -3.54 -37.08
N GLY B 184 3.47 -2.30 -36.70
CA GLY B 184 4.11 -2.00 -35.46
C GLY B 184 3.45 -0.79 -34.84
N ASP B 185 3.90 -0.44 -33.64
CA ASP B 185 3.24 0.62 -32.91
C ASP B 185 3.31 1.84 -33.82
N VAL B 186 2.19 2.51 -34.02
CA VAL B 186 2.14 3.79 -34.69
C VAL B 186 2.51 4.87 -33.70
N MET B 187 3.46 5.70 -34.10
CA MET B 187 4.11 6.61 -33.19
C MET B 187 3.73 8.07 -33.35
N SER B 188 3.38 8.48 -34.57
CA SER B 188 3.10 9.87 -34.87
C SER B 188 2.11 9.99 -36.00
N LEU B 189 1.34 11.06 -36.06
CA LEU B 189 0.59 11.30 -37.28
C LEU B 189 0.73 12.75 -37.67
N SER B 190 0.57 13.06 -38.95
CA SER B 190 0.39 14.44 -39.35
C SER B 190 -0.78 14.63 -40.32
N LEU B 191 -1.61 15.62 -40.04
CA LEU B 191 -2.69 16.02 -40.95
C LEU B 191 -2.21 16.88 -42.10
N ALA B 192 -2.75 16.63 -43.28
CA ALA B 192 -2.56 17.52 -44.41
C ALA B 192 -3.27 18.84 -44.12
N PRO B 193 -2.91 19.90 -44.86
CA PRO B 193 -3.56 21.15 -44.52
C PRO B 193 -5.04 21.17 -44.88
N ASP B 194 -5.42 20.53 -45.99
CA ASP B 194 -6.83 20.32 -46.30
C ASP B 194 -7.53 19.37 -45.32
N THR B 195 -6.75 18.57 -44.62
CA THR B 195 -7.28 17.61 -43.63
C THR B 195 -8.14 16.48 -44.22
N ARG B 196 -8.01 16.22 -45.51
CA ARG B 196 -8.71 15.09 -46.13
C ARG B 196 -7.77 13.93 -46.21
N LEU B 197 -6.52 14.18 -45.82
CA LEU B 197 -5.50 13.17 -45.74
C LEU B 197 -4.69 13.36 -44.48
N PHE B 198 -4.12 12.25 -44.03
CA PHE B 198 -3.09 12.31 -43.00
C PHE B 198 -2.11 11.18 -43.19
N VAL B 199 -0.91 11.39 -42.65
CA VAL B 199 0.14 10.42 -42.70
C VAL B 199 0.49 10.06 -41.31
N SER B 200 1.00 8.85 -41.16
CA SER B 200 1.32 8.26 -39.88
C SER B 200 2.67 7.62 -40.05
N GLY B 201 3.53 7.74 -39.05
CA GLY B 201 4.80 7.03 -39.01
C GLY B 201 4.81 5.99 -37.91
N ALA B 202 5.47 4.86 -38.14
CA ALA B 202 5.40 3.74 -37.19
C ALA B 202 6.72 3.02 -36.94
N CYS B 203 6.68 2.21 -35.88
CA CYS B 203 7.76 1.34 -35.52
C CYS B 203 8.02 0.23 -36.52
N ASP B 204 7.17 0.11 -37.53
CA ASP B 204 7.46 -0.83 -38.63
C ASP B 204 8.42 -0.21 -39.66
N ALA B 205 8.85 1.01 -39.38
CA ALA B 205 9.78 1.77 -40.24
C ALA B 205 9.12 2.29 -41.51
N SER B 206 7.81 2.06 -41.68
CA SER B 206 7.08 2.57 -42.82
C SER B 206 6.23 3.71 -42.38
N ALA B 207 5.96 4.62 -43.30
CA ALA B 207 4.97 5.70 -43.09
C ALA B 207 3.89 5.47 -44.09
N LYS B 208 2.70 5.91 -43.73
CA LYS B 208 1.51 5.67 -44.56
C LYS B 208 0.63 6.89 -44.69
N LEU B 209 0.12 7.05 -45.90
CA LEU B 209 -0.78 8.11 -46.26
C LEU B 209 -2.18 7.50 -46.23
N TRP B 210 -3.09 8.19 -45.53
CA TRP B 210 -4.48 7.78 -45.34
C TRP B 210 -5.47 8.90 -45.81
N ASP B 211 -6.62 8.48 -46.33
CA ASP B 211 -7.74 9.39 -46.62
C ASP B 211 -8.66 9.40 -45.40
N VAL B 212 -8.78 10.57 -44.79
CA VAL B 212 -9.60 10.71 -43.62
C VAL B 212 -11.01 10.24 -43.94
N ARG B 213 -11.60 10.82 -44.97
CA ARG B 213 -13.01 10.56 -45.27
C ARG B 213 -13.27 9.16 -45.86
N GLU B 214 -12.26 8.41 -46.28
CA GLU B 214 -12.50 7.06 -46.82
C GLU B 214 -11.96 5.89 -45.97
N GLY B 215 -11.02 6.13 -45.06
CA GLY B 215 -10.65 5.11 -44.12
C GLY B 215 -9.57 4.20 -44.63
N MET B 216 -8.95 4.55 -45.74
CA MET B 216 -7.93 3.65 -46.28
C MET B 216 -6.56 4.30 -46.50
N CYS B 217 -5.60 3.41 -46.62
CA CYS B 217 -4.24 3.77 -46.92
C CYS B 217 -4.04 3.78 -48.43
N ARG B 218 -3.50 4.91 -48.92
CA ARG B 218 -3.27 5.10 -50.33
C ARG B 218 -1.88 4.75 -50.72
N GLN B 219 -0.95 4.91 -49.78
CA GLN B 219 0.48 4.87 -50.12
C GLN B 219 1.30 4.50 -48.90
N THR B 220 2.36 3.74 -49.13
CA THR B 220 3.22 3.28 -48.09
C THR B 220 4.66 3.55 -48.43
N PHE B 221 5.33 4.29 -47.57
CA PHE B 221 6.66 4.72 -47.85
C PHE B 221 7.57 4.07 -46.85
N THR B 222 8.67 3.53 -47.37
CA THR B 222 9.65 2.80 -46.58
C THR B 222 11.05 3.31 -46.94
N GLY B 223 12.08 2.70 -46.41
CA GLY B 223 13.43 3.26 -46.55
C GLY B 223 14.14 3.50 -45.23
N HIS B 224 13.42 3.98 -44.22
CA HIS B 224 13.99 3.98 -42.87
C HIS B 224 14.32 2.57 -42.40
N GLU B 225 15.36 2.48 -41.57
CA GLU B 225 15.91 1.22 -41.07
C GLU B 225 15.44 0.89 -39.63
N SER B 226 14.53 1.72 -39.13
CA SER B 226 14.09 1.65 -37.78
C SER B 226 12.82 2.47 -37.59
N ASP B 227 12.34 2.46 -36.36
CA ASP B 227 11.12 3.16 -36.00
C ASP B 227 11.05 4.57 -36.58
N ILE B 228 9.91 4.90 -37.19
CA ILE B 228 9.59 6.25 -37.44
C ILE B 228 8.93 6.78 -36.19
N ASN B 229 9.62 7.67 -35.49
CA ASN B 229 9.09 8.25 -34.26
C ASN B 229 8.26 9.50 -34.49
N ALA B 230 8.50 10.21 -35.60
CA ALA B 230 7.77 11.43 -35.90
C ALA B 230 7.56 11.65 -37.39
N ILE B 231 6.53 12.42 -37.72
CA ILE B 231 6.18 12.67 -39.08
C ILE B 231 5.45 14.03 -39.22
N CYS B 232 5.72 14.77 -40.30
N CYS B 232 5.72 14.77 -40.28
CA CYS B 232 5.12 16.10 -40.51
CA CYS B 232 5.01 16.04 -40.50
C CYS B 232 4.82 16.29 -41.98
C CYS B 232 4.79 16.28 -41.98
N PHE B 233 3.71 16.95 -42.29
CA PHE B 233 3.42 17.29 -43.69
C PHE B 233 4.26 18.45 -44.16
N PHE B 234 4.79 18.33 -45.37
CA PHE B 234 5.29 19.49 -46.08
C PHE B 234 4.09 20.41 -46.23
N PRO B 235 4.30 21.74 -46.20
CA PRO B 235 3.16 22.64 -46.02
C PRO B 235 2.20 22.72 -47.19
N ASN B 236 2.59 22.20 -48.35
CA ASN B 236 1.71 22.26 -49.50
C ASN B 236 0.88 21.02 -49.61
N GLY B 237 1.30 19.97 -48.94
CA GLY B 237 0.52 18.77 -48.85
C GLY B 237 0.82 17.72 -49.89
N ASN B 238 1.98 17.78 -50.53
CA ASN B 238 2.39 16.77 -51.52
C ASN B 238 3.62 16.04 -51.11
N ALA B 239 4.07 16.30 -49.89
CA ALA B 239 5.22 15.62 -49.37
C ALA B 239 5.09 15.68 -47.88
N PHE B 240 5.77 14.73 -47.23
CA PHE B 240 5.92 14.76 -45.79
C PHE B 240 7.34 14.42 -45.44
N ALA B 241 7.70 14.70 -44.21
CA ALA B 241 8.96 14.24 -43.70
C ALA B 241 8.76 13.34 -42.50
N THR B 242 9.66 12.37 -42.36
CA THR B 242 9.71 11.49 -41.23
C THR B 242 11.00 11.69 -40.48
N GLY B 243 10.94 11.45 -39.17
CA GLY B 243 12.12 11.22 -38.34
C GLY B 243 12.13 9.85 -37.71
N SER B 244 13.32 9.25 -37.64
CA SER B 244 13.49 7.90 -37.15
C SER B 244 14.66 7.63 -36.18
N ASP B 245 14.59 6.49 -35.50
CA ASP B 245 15.62 5.98 -34.60
C ASP B 245 16.87 5.60 -35.36
N ASP B 246 16.77 5.57 -36.70
CA ASP B 246 17.94 5.30 -37.56
C ASP B 246 18.80 6.53 -37.77
N ALA B 247 18.42 7.64 -37.14
CA ALA B 247 19.24 8.85 -37.13
C ALA B 247 19.13 9.75 -38.37
N THR B 248 18.22 9.40 -39.29
CA THR B 248 17.95 10.19 -40.50
C THR B 248 16.56 10.77 -40.44
N CYS B 249 16.35 11.91 -41.09
CA CYS B 249 15.01 12.28 -41.51
C CYS B 249 14.92 11.93 -42.98
N ARG B 250 13.71 11.90 -43.51
CA ARG B 250 13.53 11.76 -44.93
C ARG B 250 12.32 12.51 -45.41
N LEU B 251 12.34 12.88 -46.68
CA LEU B 251 11.26 13.61 -47.27
C LEU B 251 10.73 12.65 -48.23
N PHE B 252 9.44 12.43 -48.21
CA PHE B 252 8.83 11.52 -49.14
C PHE B 252 7.83 12.34 -49.93
N ASP B 253 7.79 12.13 -51.25
CA ASP B 253 6.88 12.90 -52.09
C ASP B 253 5.68 12.05 -52.41
N LEU B 254 4.51 12.63 -52.28
CA LEU B 254 3.29 11.85 -52.46
C LEU B 254 3.10 11.53 -53.92
N ARG B 255 3.03 12.54 -54.78
CA ARG B 255 2.69 12.30 -56.19
C ARG B 255 3.73 11.45 -56.93
N ALA B 256 4.99 11.48 -56.50
CA ALA B 256 6.07 10.62 -57.05
C ALA B 256 6.17 9.33 -56.29
N ASP B 257 5.47 9.28 -55.16
CA ASP B 257 5.31 8.10 -54.36
C ASP B 257 6.64 7.53 -53.87
N GLN B 258 7.51 8.37 -53.34
CA GLN B 258 8.81 7.89 -52.93
C GLN B 258 9.69 8.91 -52.30
N GLU B 259 10.73 8.38 -51.70
CA GLU B 259 11.74 9.19 -51.03
C GLU B 259 12.41 10.11 -52.02
N LEU B 260 12.53 11.38 -51.68
CA LEU B 260 13.39 12.25 -52.46
C LEU B 260 14.68 12.53 -51.77
N MET B 261 14.70 12.51 -50.44
CA MET B 261 15.81 13.13 -49.73
C MET B 261 16.00 12.50 -48.36
N THR B 262 17.21 12.03 -48.08
CA THR B 262 17.61 11.63 -46.75
C THR B 262 18.41 12.77 -46.16
N TYR B 263 18.12 13.11 -44.91
CA TYR B 263 18.84 14.16 -44.21
C TYR B 263 19.66 13.46 -43.15
N SER B 264 20.98 13.45 -43.33
CA SER B 264 21.80 12.65 -42.46
C SER B 264 23.20 13.08 -42.57
N HIS B 265 23.95 12.69 -41.54
CA HIS B 265 25.34 13.03 -41.38
C HIS B 265 25.97 11.92 -40.54
N ASP B 266 27.23 11.61 -40.76
CA ASP B 266 27.87 10.48 -40.08
C ASP B 266 28.07 10.75 -38.59
N ASN B 267 28.33 12.03 -38.29
CA ASN B 267 28.29 12.56 -36.92
C ASN B 267 27.04 12.29 -36.06
N ILE B 268 25.88 12.23 -36.70
CA ILE B 268 24.64 12.00 -35.98
C ILE B 268 24.30 10.52 -35.93
N ILE B 269 24.38 9.97 -34.74
CA ILE B 269 24.07 8.57 -34.51
C ILE B 269 22.73 8.38 -33.83
N CYS B 270 22.33 9.35 -33.00
N CYS B 270 22.33 9.39 -33.03
CA CYS B 270 21.13 9.25 -32.20
CA CYS B 270 21.12 9.35 -32.21
C CYS B 270 19.90 9.45 -33.07
C CYS B 270 19.87 9.49 -33.06
N GLY B 271 18.76 8.99 -32.56
CA GLY B 271 17.53 9.04 -33.29
C GLY B 271 16.75 10.31 -33.18
N ILE B 272 15.87 10.51 -34.15
CA ILE B 272 15.00 11.69 -34.23
C ILE B 272 13.66 11.45 -33.54
N THR B 273 13.27 12.38 -32.67
CA THR B 273 11.96 12.33 -31.97
C THR B 273 10.81 13.11 -32.61
N SER B 274 11.13 14.06 -33.50
CA SER B 274 10.15 15.05 -33.88
C SER B 274 10.64 15.85 -35.07
N VAL B 275 9.72 16.14 -35.98
CA VAL B 275 10.03 16.94 -37.15
C VAL B 275 8.92 17.94 -37.44
N SER B 276 9.28 18.96 -38.21
CA SER B 276 8.34 20.02 -38.54
C SER B 276 9.00 20.87 -39.57
N PHE B 277 8.21 21.39 -40.48
CA PHE B 277 8.76 22.29 -41.48
C PHE B 277 8.57 23.71 -41.06
N SER B 278 9.45 24.59 -41.54
CA SER B 278 9.16 26.02 -41.52
C SER B 278 7.91 26.28 -42.36
N LYS B 279 7.40 27.50 -42.33
CA LYS B 279 6.18 27.80 -43.06
C LYS B 279 6.27 27.53 -44.57
N SER B 280 7.41 27.80 -45.20
CA SER B 280 7.55 27.60 -46.66
C SER B 280 8.05 26.20 -46.96
N GLY B 281 8.29 25.43 -45.90
CA GLY B 281 8.77 24.09 -46.04
C GLY B 281 10.24 24.08 -46.37
N ARG B 282 10.83 25.23 -46.57
CA ARG B 282 12.21 25.22 -46.95
C ARG B 282 13.07 24.59 -45.83
N LEU B 283 12.74 24.89 -44.58
CA LEU B 283 13.46 24.36 -43.43
C LEU B 283 12.79 23.15 -42.82
N LEU B 284 13.57 22.11 -42.63
CA LEU B 284 13.12 20.92 -41.94
C LEU B 284 13.81 20.80 -40.58
N LEU B 285 13.05 21.01 -39.50
CA LEU B 285 13.56 20.96 -38.15
C LEU B 285 13.29 19.59 -37.57
N ALA B 286 14.29 19.05 -36.89
CA ALA B 286 14.19 17.73 -36.29
C ALA B 286 14.73 17.76 -34.87
N GLY B 287 13.99 17.21 -33.93
CA GLY B 287 14.50 16.93 -32.59
C GLY B 287 15.20 15.59 -32.46
N TYR B 288 16.30 15.58 -31.69
CA TYR B 288 17.16 14.40 -31.58
C TYR B 288 17.36 13.93 -30.15
N ASP B 289 17.79 12.69 -30.01
CA ASP B 289 18.05 12.13 -28.70
C ASP B 289 19.48 12.49 -28.23
N ASP B 290 20.15 13.37 -28.98
CA ASP B 290 21.44 13.91 -28.55
C ASP B 290 21.25 15.23 -27.80
N PHE B 291 20.01 15.68 -27.73
CA PHE B 291 19.54 16.91 -26.99
C PHE B 291 19.36 18.11 -27.90
N ASN B 292 19.68 17.97 -29.18
CA ASN B 292 19.59 19.10 -30.08
C ASN B 292 18.42 18.98 -31.02
N CYS B 293 18.01 20.13 -31.58
CA CYS B 293 17.17 20.15 -32.75
C CYS B 293 18.04 20.57 -33.90
N ASN B 294 18.10 19.78 -34.96
CA ASN B 294 18.82 20.23 -36.15
C ASN B 294 17.88 20.89 -37.16
N VAL B 295 18.28 22.05 -37.68
CA VAL B 295 17.51 22.70 -38.72
C VAL B 295 18.11 22.28 -40.04
N TRP B 296 17.34 21.58 -40.87
CA TRP B 296 17.85 21.11 -42.16
C TRP B 296 17.31 21.94 -43.29
N ASP B 297 18.02 21.92 -44.40
CA ASP B 297 17.57 22.56 -45.64
C ASP B 297 16.76 21.50 -46.33
N ALA B 298 15.45 21.69 -46.41
CA ALA B 298 14.58 20.65 -46.96
C ALA B 298 14.98 20.29 -48.38
N LEU B 299 15.40 21.31 -49.13
CA LEU B 299 15.66 21.19 -50.57
C LEU B 299 17.06 20.73 -50.92
N LYS B 300 18.04 21.13 -50.14
CA LYS B 300 19.42 20.80 -50.47
C LYS B 300 19.92 19.63 -49.62
N ALA B 301 19.40 19.51 -48.38
CA ALA B 301 19.79 18.49 -47.40
C ALA B 301 20.97 18.89 -46.56
N ASP B 302 21.47 20.12 -46.74
CA ASP B 302 22.60 20.57 -45.95
C ASP B 302 22.05 20.73 -44.57
N ARG B 303 22.83 20.38 -43.58
CA ARG B 303 22.47 20.75 -42.25
C ARG B 303 22.63 22.24 -42.19
N ALA B 304 21.69 22.97 -41.61
CA ALA B 304 21.73 24.45 -41.66
C ALA B 304 21.60 25.17 -40.32
N GLY B 305 21.66 24.44 -39.23
CA GLY B 305 21.32 25.04 -37.96
C GLY B 305 21.13 24.01 -36.88
N VAL B 306 21.28 24.49 -35.65
CA VAL B 306 21.23 23.62 -34.52
C VAL B 306 20.61 24.39 -33.37
N LEU B 307 19.52 23.88 -32.81
CA LEU B 307 19.01 24.41 -31.56
C LEU B 307 19.60 23.60 -30.43
N ALA B 308 20.41 24.26 -29.60
CA ALA B 308 21.18 23.59 -28.57
C ALA B 308 21.00 24.33 -27.27
N GLY B 309 19.87 24.03 -26.64
CA GLY B 309 19.53 24.58 -25.34
C GLY B 309 18.73 23.63 -24.48
N HIS B 310 19.04 22.33 -24.57
CA HIS B 310 18.40 21.33 -23.74
C HIS B 310 19.42 20.38 -23.21
N ASP B 311 19.14 19.82 -22.03
CA ASP B 311 20.12 18.99 -21.32
C ASP B 311 19.77 17.51 -21.48
N ASN B 312 18.52 17.23 -21.73
CA ASN B 312 18.19 15.89 -22.08
C ASN B 312 17.61 15.94 -23.48
N ARG B 313 17.18 14.78 -23.93
CA ARG B 313 16.48 14.61 -25.17
C ARG B 313 15.51 15.74 -25.54
N VAL B 314 15.57 16.16 -26.81
CA VAL B 314 14.48 16.94 -27.39
C VAL B 314 13.48 15.91 -27.85
N SER B 315 12.28 16.05 -27.32
CA SER B 315 11.28 15.02 -27.37
C SER B 315 10.17 15.40 -28.31
N CYS B 316 10.06 16.70 -28.59
CA CYS B 316 9.00 17.20 -29.43
C CYS B 316 9.32 18.61 -29.83
N LEU B 317 8.72 19.04 -30.93
CA LEU B 317 8.87 20.41 -31.39
C LEU B 317 7.71 20.85 -32.26
N GLY B 318 7.74 22.09 -32.70
CA GLY B 318 6.67 22.61 -33.53
C GLY B 318 6.91 24.03 -34.00
N VAL B 319 6.41 24.31 -35.21
CA VAL B 319 6.49 25.64 -35.76
C VAL B 319 5.10 26.25 -35.78
N THR B 320 4.99 27.53 -35.46
CA THR B 320 3.69 28.20 -35.40
C THR B 320 3.08 28.33 -36.76
N ASP B 321 1.75 28.31 -36.82
CA ASP B 321 1.07 28.51 -38.09
C ASP B 321 1.58 29.79 -38.70
N ASP B 322 1.80 30.83 -37.88
CA ASP B 322 2.26 32.13 -38.40
C ASP B 322 3.72 32.16 -38.87
N GLY B 323 4.49 31.13 -38.55
CA GLY B 323 5.83 30.99 -39.08
C GLY B 323 6.89 31.51 -38.15
N MET B 324 6.47 32.36 -37.21
CA MET B 324 7.35 33.13 -36.36
C MET B 324 8.31 32.35 -35.50
N ALA B 325 7.88 31.19 -35.04
CA ALA B 325 8.55 30.57 -33.91
C ALA B 325 8.55 29.03 -33.92
N VAL B 326 9.35 28.49 -33.01
CA VAL B 326 9.60 27.08 -32.92
C VAL B 326 9.63 26.68 -31.46
N ALA B 327 8.74 25.79 -31.05
CA ALA B 327 8.86 25.32 -29.70
C ALA B 327 9.74 24.07 -29.79
N THR B 328 10.56 23.85 -28.77
CA THR B 328 11.13 22.54 -28.54
C THR B 328 10.82 22.16 -27.11
N GLY B 329 10.41 20.92 -26.92
CA GLY B 329 10.14 20.40 -25.61
C GLY B 329 11.09 19.26 -25.43
N SER B 330 11.37 18.96 -24.16
CA SER B 330 12.48 18.11 -23.83
C SER B 330 12.27 17.31 -22.56
N TRP B 331 13.00 16.21 -22.49
CA TRP B 331 13.13 15.39 -21.30
C TRP B 331 13.70 16.15 -20.10
N ASP B 332 14.34 17.29 -20.30
CA ASP B 332 14.81 18.05 -19.16
C ASP B 332 13.70 18.86 -18.42
N SER B 333 12.42 18.66 -18.75
CA SER B 333 11.29 19.34 -18.07
C SER B 333 10.91 20.71 -18.64
N PHE B 334 11.63 21.18 -19.66
CA PHE B 334 11.38 22.51 -20.26
C PHE B 334 10.98 22.48 -21.73
N LEU B 335 10.22 23.51 -22.08
CA LEU B 335 10.03 23.97 -23.44
C LEU B 335 10.80 25.25 -23.66
N LYS B 336 11.51 25.32 -24.78
CA LYS B 336 12.13 26.57 -25.21
C LYS B 336 11.51 26.97 -26.54
N ILE B 337 11.18 28.24 -26.62
CA ILE B 337 10.70 28.83 -27.83
C ILE B 337 11.89 29.45 -28.56
N TRP B 338 11.91 29.30 -29.88
CA TRP B 338 13.06 29.76 -30.67
C TRP B 338 12.62 30.48 -31.94
N ASN B 339 13.42 31.47 -32.33
CA ASN B 339 13.40 32.03 -33.68
C ASN B 339 14.69 32.79 -33.92
N THR C 6 -0.45 -14.56 -40.34
CA THR C 6 0.20 -14.79 -41.67
C THR C 6 -0.57 -15.85 -42.44
N ALA C 7 -0.87 -16.96 -41.78
CA ALA C 7 -1.59 -18.11 -42.38
C ALA C 7 -3.10 -17.88 -42.64
N SER C 8 -3.64 -16.75 -42.18
CA SER C 8 -4.99 -16.29 -42.52
C SER C 8 -5.13 -15.91 -44.01
N ILE C 9 -5.96 -16.65 -44.75
CA ILE C 9 -6.22 -16.44 -46.20
C ILE C 9 -6.76 -15.04 -46.50
N ALA C 10 -7.64 -14.58 -45.61
CA ALA C 10 -8.26 -13.28 -45.72
C ALA C 10 -7.31 -12.13 -45.53
N GLN C 11 -6.27 -12.30 -44.73
CA GLN C 11 -5.37 -11.19 -44.45
C GLN C 11 -4.44 -11.03 -45.63
N ALA C 12 -4.05 -12.17 -46.18
CA ALA C 12 -3.23 -12.24 -47.38
C ALA C 12 -3.95 -11.63 -48.59
N ARG C 13 -5.27 -11.81 -48.65
CA ARG C 13 -6.11 -11.20 -49.68
C ARG C 13 -6.15 -9.72 -49.52
N LYS C 14 -6.50 -9.28 -48.31
CA LYS C 14 -6.51 -7.88 -47.95
C LYS C 14 -5.17 -7.24 -48.29
N LEU C 15 -4.10 -7.90 -47.89
CA LEU C 15 -2.80 -7.34 -48.11
C LEU C 15 -2.68 -7.09 -49.57
N VAL C 16 -2.96 -8.10 -50.37
CA VAL C 16 -2.86 -8.00 -51.84
C VAL C 16 -3.72 -6.92 -52.51
N GLU C 17 -4.92 -6.68 -51.99
CA GLU C 17 -5.80 -5.70 -52.58
C GLU C 17 -5.26 -4.36 -52.27
N GLN C 18 -4.67 -4.25 -51.10
CA GLN C 18 -4.03 -3.03 -50.67
C GLN C 18 -2.84 -2.67 -51.58
N LEU C 19 -2.01 -3.65 -51.88
CA LEU C 19 -0.87 -3.39 -52.73
C LEU C 19 -1.37 -3.02 -54.11
N LYS C 20 -2.47 -3.62 -54.56
CA LYS C 20 -3.05 -3.26 -55.88
C LYS C 20 -3.40 -1.80 -55.90
N MET C 21 -4.11 -1.36 -54.85
CA MET C 21 -4.51 0.05 -54.68
C MET C 21 -3.30 0.97 -54.67
N GLU C 22 -2.24 0.52 -53.99
CA GLU C 22 -0.95 1.25 -53.89
C GLU C 22 -0.20 1.21 -55.21
N ALA C 23 -0.27 0.11 -55.93
CA ALA C 23 0.39 0.00 -57.23
C ALA C 23 -0.24 0.90 -58.32
N ASN C 24 -1.55 0.95 -58.42
CA ASN C 24 -2.18 1.64 -59.56
C ASN C 24 -2.59 3.02 -59.22
N ILE C 25 -1.59 3.83 -58.90
CA ILE C 25 -1.81 5.25 -58.68
C ILE C 25 -1.11 5.98 -59.77
N ASP C 26 -1.36 7.26 -59.89
CA ASP C 26 -0.69 8.04 -60.90
C ASP C 26 0.53 8.59 -60.20
N ARG C 27 1.68 8.29 -60.78
CA ARG C 27 2.92 8.86 -60.30
C ARG C 27 3.47 9.90 -61.27
N ILE C 28 4.20 10.87 -60.76
CA ILE C 28 4.86 11.86 -61.60
C ILE C 28 6.35 11.64 -61.50
N LYS C 29 7.09 12.13 -62.48
CA LYS C 29 8.54 12.01 -62.42
C LYS C 29 8.99 12.83 -61.22
N VAL C 30 9.95 12.27 -60.51
CA VAL C 30 10.64 12.96 -59.42
C VAL C 30 11.12 14.37 -59.81
N SER C 31 11.61 14.48 -61.04
CA SER C 31 12.06 15.77 -61.54
C SER C 31 10.97 16.80 -61.41
N LYS C 32 9.74 16.45 -61.74
CA LYS C 32 8.68 17.44 -61.70
C LYS C 32 8.26 17.65 -60.27
N ALA C 33 8.28 16.56 -59.49
CA ALA C 33 7.80 16.60 -58.11
C ALA C 33 8.74 17.48 -57.32
N ALA C 34 10.02 17.27 -57.57
CA ALA C 34 11.09 18.13 -57.06
C ALA C 34 10.79 19.58 -57.38
N ALA C 35 10.70 19.89 -58.66
CA ALA C 35 10.54 21.25 -59.13
C ALA C 35 9.39 21.93 -58.43
N ASP C 36 8.26 21.22 -58.37
CA ASP C 36 7.08 21.68 -57.65
C ASP C 36 7.30 22.06 -56.17
N LEU C 37 8.20 21.34 -55.49
CA LEU C 37 8.56 21.66 -54.10
C LEU C 37 9.46 22.87 -54.09
N MET C 38 10.54 22.82 -54.86
CA MET C 38 11.35 24.02 -55.12
C MET C 38 10.51 25.22 -55.48
N ALA C 39 9.48 25.02 -56.29
CA ALA C 39 8.62 26.13 -56.71
C ALA C 39 7.89 26.69 -55.51
N TYR C 40 7.19 25.80 -54.80
CA TYR C 40 6.48 26.20 -53.59
C TYR C 40 7.40 26.97 -52.66
N CYS C 41 8.58 26.41 -52.42
CA CYS C 41 9.53 27.00 -51.49
C CYS C 41 9.87 28.42 -51.85
N GLU C 42 10.13 28.62 -53.13
CA GLU C 42 10.48 29.95 -53.71
C GLU C 42 9.31 30.91 -53.62
N ALA C 43 8.14 30.43 -53.99
CA ALA C 43 6.94 31.25 -53.99
C ALA C 43 6.51 31.68 -52.57
N HIS C 44 7.10 31.11 -51.52
CA HIS C 44 6.66 31.36 -50.13
C HIS C 44 7.73 31.72 -49.16
N ALA C 45 8.97 31.82 -49.64
CA ALA C 45 10.11 32.17 -48.80
C ALA C 45 10.02 33.58 -48.24
N LYS C 46 9.18 34.40 -48.89
CA LYS C 46 8.90 35.76 -48.46
C LYS C 46 8.17 35.72 -47.11
N GLU C 47 7.16 34.87 -47.05
CA GLU C 47 6.29 34.74 -45.87
C GLU C 47 6.85 33.85 -44.75
N ASP C 48 8.16 33.58 -44.70
CA ASP C 48 8.72 32.57 -43.76
C ASP C 48 9.71 33.19 -42.78
N PRO C 49 9.22 33.63 -41.62
CA PRO C 49 10.04 34.26 -40.58
C PRO C 49 11.32 33.57 -40.18
N LEU C 50 11.45 32.28 -40.45
CA LEU C 50 12.62 31.53 -40.01
C LEU C 50 13.58 31.44 -41.15
N LEU C 51 13.11 31.82 -42.33
CA LEU C 51 13.89 31.70 -43.54
C LEU C 51 14.56 33.04 -43.76
N THR C 52 13.79 34.11 -43.52
CA THR C 52 14.32 35.46 -43.33
C THR C 52 14.16 35.89 -41.86
N PRO C 53 15.29 36.08 -41.15
CA PRO C 53 15.21 36.88 -39.92
C PRO C 53 14.43 38.19 -40.15
N VAL C 54 13.42 38.42 -39.31
CA VAL C 54 12.47 39.54 -39.46
C VAL C 54 13.01 40.71 -38.61
N PRO C 55 12.48 41.92 -38.81
CA PRO C 55 12.71 42.94 -37.79
C PRO C 55 12.03 42.56 -36.47
N ALA C 56 12.72 42.77 -35.37
CA ALA C 56 12.13 42.63 -34.04
C ALA C 56 10.74 43.30 -33.90
N SER C 57 10.47 44.34 -34.69
CA SER C 57 9.17 45.07 -34.70
C SER C 57 7.95 44.18 -34.93
N GLU C 58 8.08 43.23 -35.83
CA GLU C 58 6.96 42.41 -36.20
C GLU C 58 7.16 41.00 -35.67
N ASN C 59 8.04 40.85 -34.71
CA ASN C 59 8.44 39.56 -34.19
C ASN C 59 7.96 39.49 -32.76
N PRO C 60 6.89 38.75 -32.50
CA PRO C 60 6.29 38.81 -31.14
C PRO C 60 7.19 38.37 -29.97
N PHE C 61 8.41 37.91 -30.23
CA PHE C 61 9.24 37.30 -29.19
C PHE C 61 10.52 38.08 -28.79
N ARG C 62 10.58 39.37 -29.13
CA ARG C 62 11.76 40.19 -28.84
C ARG C 62 11.53 41.29 -27.79
N GLU C 63 10.30 41.83 -27.71
CA GLU C 63 10.00 42.91 -26.75
C GLU C 63 8.56 42.80 -26.23
MG MG D . 8.96 -37.28 33.44
O2 FF1 E . 7.63 -12.04 42.75
C22 FF1 E . 7.75 -12.82 41.81
N3 FF1 E . 7.20 -12.70 40.58
C23 FF1 E . 6.18 -11.86 40.24
C29 FF1 E . 5.63 -10.86 41.07
C28 FF1 E . 4.58 -10.05 40.61
C27 FF1 E . 3.91 -8.99 41.28
N5 FF1 E . 2.97 -8.49 40.44
N4 FF1 E . 3.11 -9.28 39.26
C26 FF1 E . 4.06 -10.22 39.36
C25 FF1 E . 4.58 -11.21 38.53
C24 FF1 E . 5.62 -12.04 38.98
C21 FF1 E . 8.43 -14.10 42.13
C19 FF1 E . 7.69 -15.41 41.97
C20 FF1 E . 6.26 -15.53 41.50
N2 FF1 E . 8.32 -16.52 42.38
C18 FF1 E . 9.35 -16.43 43.25
O1 FF1 E . 9.64 -17.44 43.91
N1 FF1 E . 10.06 -15.29 43.46
C17 FF1 E . 9.83 -14.09 42.63
C13 FF1 E . 10.84 -14.07 41.50
C12 FF1 E . 11.46 -15.24 40.98
C14 FF1 E . 11.22 -12.84 40.94
C15 FF1 E . 12.16 -12.79 39.91
C16 FF1 E . 12.76 -13.95 39.41
F FF1 E . 13.67 -13.88 38.42
C11 FF1 E . 12.41 -15.18 39.93
C10 FF1 E . 13.08 -16.43 39.39
O FF1 E . 13.16 -16.54 38.17
N FF1 E . 13.63 -17.32 40.26
C9 FF1 E . 14.43 -18.50 39.89
C8 FF1 E . 14.91 -19.36 41.07
C7 FF1 E . 16.43 -19.65 41.11
C1 FF1 E . 17.30 -18.94 41.99
C FF1 E . 16.81 -17.87 42.93
C5 FF1 E . 16.98 -20.64 40.28
C6 FF1 E . 16.11 -21.43 39.32
C4 FF1 E . 18.36 -20.90 40.30
C3 FF1 E . 19.20 -20.20 41.16
C2 FF1 E . 18.67 -19.22 42.00
#